data_8FLU
#
_entry.id   8FLU
#
loop_
_entity.id
_entity.type
_entity.pdbx_description
1 polymer 'Guanine nucleotide-binding protein G(s) subunit alpha isoforms short'
2 polymer 'Guanine nucleotide-binding protein G(I)/G(S)/G(T) subunit beta-1'
3 polymer 'Guanine nucleotide-binding protein G(I)/G(S)/G(O) subunit gamma-2'
4 polymer Nanobody35
5 polymer 'Long-acting PTH'
6 polymer 'Parathyroid hormone/parathyroid hormone-related peptide receptor'
7 water water
#
loop_
_entity_poly.entity_id
_entity_poly.type
_entity_poly.pdbx_seq_one_letter_code
_entity_poly.pdbx_strand_id
1 'polypeptide(L)'
;MGCLGNSKTEDQRNEEKAQREANKKIEKQLQKDKQVYRATHRLLLLGAGESGKNTIVKQMRILHVNGFNGEGGEEDPQAA
RSNSDGEKATKVQDIKNNLKEAIETIVAAMSNLVPPVELANPENQFRVDYILSVMNVPDFDFPPEFYEHAKALWEDEGVR
ACYERSNEYQLIDCAQYFLDKIDVIKQADYVPSDQDLLRCRVLTSGIFETKFQVDKVNFHMFDVGAQRDERRKWIQCFND
VTAIIFVVASSSYNMVIREDNQTNRLQAALKLFDSIWNNKWLRDTSVILFLNKQDLLAEKVLAGKSKIEDYFPEFARYTT
PEDATPEPGEDPRVTRAKYFIRDEFLRISTASGDGRHYCYPHFTCAVDTENIRRVFNDCRDIIQRMHLRQYELL
;
A
2 'polypeptide(L)'
;QSELDQLRQEAEQLKNQIRDARKACADATLSQITNNIDPVGRIQMRTRRTLRGHLAKIYAMHWGTDSRLLVSASQDGKLI
IWDSYTTNKVHAIPLRSSWVMTCAYAPSGNYVACGGLDNICSIYNLKTREGNVRVSRELAGHTGYLSCCRFLDDNQIVTS
SGDTTCALWDIETGQQTTTFTGHTGDVMSLSLAPDTRLFVSGACDASAKLWDVREGMCRQTFTGHESDINAICFFPNGNA
FATGSDDATCRLFDLRADQELMTYSHDNIICGITSVSFSKSGRLLLAGYDDFNCNVWDALKADRAGVLAGHDNRVSCLGV
TDDGMAVATGSWDSFLKIWN
;
B
3 'polypeptide(L)' NTASIAQARKLVEQLKMEANIDRIKVSKAAADLMAYCEAHAKEDPLLTPVPASENPFR G
4 'polypeptide(L)'
;QVQLQESGGGLVQPGGSLRLSCAASGFTFSNYKMNWVRQAPGKGLEWVSDISQSGASISYTGSVKGRFTISRDNAKNTLY
LQMNSLKPEDTAVYYCARCPAPFTRDCFDVTSTTYAYRGQGTQVTVSS
;
N
5 'polypeptide(L)' AVAEIQLMHQRAKWIQDARRRAFLHKLIAEIHTAEY P
6 'polypeptide(L)'
;MKTIIALSYIFCLVFADYKDDDDLEVLFQGPADDVMTKEEQIFLLHRAQAQCEKRLKEVLQRPASIMESDKGWTSASTSG
KPRKDKASGKLYPESEEDKEAPTGSRYRGRPCLPEWDHILCWPLGAPGEVVAVPCPDYIYDFNHKGHAYRRCDRNGSWEL
VPGHNRTWANYSECVKFLTNETREREVFDRLGMIYTVGYSVSLASLTVAVLILAYFRRLHCTRNYIHMHLFLSFMLRAVS
IFVKDAVLYSGATLDEAERLTEEELRAIAQAPPPPATAAAGYAGCRVAVTFFLYFLATNYYWILVEGLYLHSLIFMAFFS
EKKYLWGFTVFGWGLPAVFVAVWVSVRATLANTGCWDLSSGNKKWIIQVPILASIVLNFILFINIVRVLATKLRETNAGR
CDTRQQYRKLLKSTLVLMPLFGVHYIVFMATPYTEVSGTLWQVQMHYEMLFNSFQGFFVAIIYCFCNGEVQAEIKKSWSR
WTLALDFKRKARSGSSSYSYGPMVSHTSVTNVGPRVGLGLPLSPRLLPTATTNGHPQLPGHAKPGTPALETLETTPPAMA
APKDDGFLNGSCSGLDEEASGPERPPALLQEEWETVMPAGLEVLFQGPHHHHHHHH
;
R
#
# COMPACT_ATOMS: atom_id res chain seq x y z
N ARG A 13 -16.24 20.58 -31.20
CA ARG A 13 -16.84 19.35 -30.69
C ARG A 13 -16.52 18.14 -31.56
N ASN A 14 -16.37 18.31 -32.88
CA ASN A 14 -15.94 17.20 -33.72
C ASN A 14 -14.53 16.76 -33.35
N GLU A 15 -13.63 17.72 -33.13
CA GLU A 15 -12.29 17.39 -32.69
C GLU A 15 -12.30 16.71 -31.32
N GLU A 16 -13.15 17.19 -30.41
CA GLU A 16 -13.27 16.55 -29.11
C GLU A 16 -13.80 15.12 -29.24
N LYS A 17 -14.73 14.89 -30.17
CA LYS A 17 -15.25 13.55 -30.39
C LYS A 17 -14.16 12.61 -30.90
N ALA A 18 -13.36 13.09 -31.87
CA ALA A 18 -12.25 12.27 -32.37
C ALA A 18 -11.24 12.00 -31.27
N GLN A 19 -10.93 13.02 -30.47
CA GLN A 19 -10.00 12.85 -29.35
C GLN A 19 -10.53 11.84 -28.36
N ARG A 20 -11.83 11.90 -28.05
CA ARG A 20 -12.42 10.96 -27.12
C ARG A 20 -12.40 9.54 -27.68
N GLU A 21 -12.63 9.39 -28.98
CA GLU A 21 -12.54 8.07 -29.59
C GLU A 21 -11.14 7.49 -29.44
N ALA A 22 -10.12 8.30 -29.76
CA ALA A 22 -8.74 7.85 -29.61
C ALA A 22 -8.43 7.54 -28.14
N ASN A 23 -8.92 8.38 -27.23
CA ASN A 23 -8.68 8.17 -25.80
C ASN A 23 -9.33 6.90 -25.31
N LYS A 24 -10.54 6.59 -25.79
CA LYS A 24 -11.22 5.36 -25.39
C LYS A 24 -10.49 4.14 -25.93
N LYS A 25 -9.99 4.22 -27.17
CA LYS A 25 -9.19 3.13 -27.69
C LYS A 25 -7.93 2.94 -26.85
N ILE A 26 -7.27 4.04 -26.49
CA ILE A 26 -6.08 3.96 -25.65
C ILE A 26 -6.41 3.38 -24.28
N GLU A 27 -7.56 3.78 -23.72
CA GLU A 27 -7.94 3.31 -22.39
C GLU A 27 -8.26 1.83 -22.40
N LYS A 28 -8.93 1.34 -23.45
CA LYS A 28 -9.18 -0.10 -23.52
C LYS A 28 -7.87 -0.86 -23.72
N GLN A 29 -6.93 -0.29 -24.50
CA GLN A 29 -5.62 -0.92 -24.61
C GLN A 29 -4.91 -0.97 -23.27
N LEU A 30 -4.99 0.11 -22.48
CA LEU A 30 -4.33 0.12 -21.19
C LEU A 30 -5.00 -0.83 -20.21
N GLN A 31 -6.32 -0.95 -20.29
CA GLN A 31 -7.01 -1.94 -19.46
C GLN A 31 -6.58 -3.35 -19.83
N LYS A 32 -6.40 -3.61 -21.12
CA LYS A 32 -5.88 -4.91 -21.55
C LYS A 32 -4.47 -5.13 -21.02
N ASP A 33 -3.64 -4.08 -21.06
CA ASP A 33 -2.25 -4.22 -20.62
C ASP A 33 -2.15 -4.36 -19.10
N LYS A 34 -3.11 -3.80 -18.37
CA LYS A 34 -3.09 -3.90 -16.91
C LYS A 34 -3.24 -5.34 -16.45
N GLN A 35 -4.07 -6.12 -17.16
CA GLN A 35 -4.23 -7.53 -16.79
C GLN A 35 -2.91 -8.27 -16.89
N VAL A 36 -2.14 -8.00 -17.95
CA VAL A 36 -0.84 -8.64 -18.10
C VAL A 36 0.15 -8.13 -17.06
N TYR A 37 0.12 -6.82 -16.80
CA TYR A 37 1.07 -6.22 -15.86
C TYR A 37 0.87 -6.76 -14.45
N ARG A 38 -0.38 -6.86 -14.02
CA ARG A 38 -0.64 -7.38 -12.68
C ARG A 38 -0.36 -8.87 -12.58
N ALA A 39 -0.60 -9.62 -13.65
CA ALA A 39 -0.36 -11.06 -13.65
C ALA A 39 1.12 -11.40 -13.68
N THR A 40 2.00 -10.44 -13.97
CA THR A 40 3.44 -10.67 -14.06
C THR A 40 4.12 -10.01 -12.88
N HIS A 41 5.01 -10.76 -12.22
CA HIS A 41 5.71 -10.28 -11.03
C HIS A 41 7.12 -9.87 -11.41
N ARG A 42 7.41 -8.58 -11.26
CA ARG A 42 8.76 -8.10 -11.47
C ARG A 42 9.65 -8.54 -10.32
N LEU A 43 10.78 -9.15 -10.65
CA LEU A 43 11.75 -9.58 -9.66
C LEU A 43 13.09 -8.94 -9.97
N LEU A 44 13.71 -8.33 -8.98
CA LEU A 44 15.06 -7.83 -9.14
C LEU A 44 16.03 -8.96 -8.86
N LEU A 45 17.13 -9.01 -9.60
CA LEU A 45 18.20 -9.97 -9.35
C LEU A 45 19.49 -9.20 -9.07
N LEU A 46 20.10 -9.45 -7.92
CA LEU A 46 21.21 -8.64 -7.48
C LEU A 46 22.29 -9.54 -6.87
N GLY A 47 23.52 -9.04 -6.90
CA GLY A 47 24.66 -9.77 -6.38
C GLY A 47 25.92 -9.50 -7.17
N ALA A 48 27.06 -9.92 -6.64
CA ALA A 48 28.33 -9.72 -7.33
C ALA A 48 28.48 -10.74 -8.45
N GLY A 49 29.50 -10.52 -9.28
CA GLY A 49 29.74 -11.41 -10.41
C GLY A 49 30.16 -12.79 -10.00
N GLU A 50 30.97 -12.91 -8.95
CA GLU A 50 31.44 -14.20 -8.46
C GLU A 50 30.37 -14.96 -7.69
N SER A 51 29.21 -14.36 -7.45
CA SER A 51 28.13 -15.01 -6.72
C SER A 51 27.46 -16.11 -7.53
N GLY A 52 27.79 -16.27 -8.81
CA GLY A 52 27.08 -17.22 -9.64
C GLY A 52 25.73 -16.73 -10.11
N LYS A 53 25.49 -15.41 -10.05
CA LYS A 53 24.21 -14.87 -10.46
C LYS A 53 23.92 -15.16 -11.93
N ASN A 54 24.92 -14.97 -12.78
CA ASN A 54 24.74 -15.26 -14.21
C ASN A 54 24.46 -16.74 -14.45
N THR A 55 25.04 -17.61 -13.64
CA THR A 55 24.73 -19.03 -13.76
C THR A 55 23.26 -19.31 -13.48
N ILE A 56 22.69 -18.65 -12.47
CA ILE A 56 21.27 -18.80 -12.18
C ILE A 56 20.43 -18.20 -13.30
N VAL A 57 20.91 -17.08 -13.88
CA VAL A 57 20.24 -16.48 -15.03
C VAL A 57 20.14 -17.49 -16.17
N LYS A 58 21.25 -18.14 -16.49
CA LYS A 58 21.24 -19.14 -17.55
C LYS A 58 20.36 -20.32 -17.18
N GLN A 59 20.42 -20.75 -15.92
CA GLN A 59 19.60 -21.88 -15.46
C GLN A 59 18.12 -21.61 -15.68
N MET A 60 17.68 -20.38 -15.43
CA MET A 60 16.26 -20.08 -15.62
C MET A 60 15.93 -19.73 -17.06
N SER A 205 22.52 -4.68 -23.34
CA SER A 205 21.82 -3.60 -22.65
C SER A 205 22.20 -3.56 -21.19
N GLY A 206 21.82 -2.48 -20.52
CA GLY A 206 22.13 -2.29 -19.12
C GLY A 206 21.14 -2.97 -18.20
N ILE A 207 20.27 -3.79 -18.77
CA ILE A 207 19.39 -4.63 -17.97
C ILE A 207 19.01 -5.83 -18.82
N PHE A 208 19.00 -7.00 -18.20
CA PHE A 208 18.71 -8.26 -18.86
C PHE A 208 17.39 -8.77 -18.31
N GLU A 209 16.34 -8.57 -19.09
CA GLU A 209 15.02 -9.05 -18.72
C GLU A 209 14.89 -10.53 -19.03
N THR A 210 14.32 -11.27 -18.09
CA THR A 210 14.10 -12.71 -18.24
C THR A 210 12.66 -12.98 -17.85
N LYS A 211 11.82 -13.26 -18.85
CA LYS A 211 10.45 -13.65 -18.60
C LYS A 211 10.37 -15.16 -18.45
N PHE A 212 9.99 -15.63 -17.26
CA PHE A 212 9.78 -17.04 -17.04
C PHE A 212 8.47 -17.22 -16.30
N GLN A 213 8.09 -18.47 -16.06
CA GLN A 213 6.81 -18.75 -15.45
C GLN A 213 6.86 -20.02 -14.63
N VAL A 214 6.16 -20.00 -13.51
CA VAL A 214 6.01 -21.15 -12.63
C VAL A 214 4.53 -21.38 -12.40
N ASP A 215 4.05 -22.59 -12.75
CA ASP A 215 2.64 -22.96 -12.61
C ASP A 215 1.74 -21.92 -13.27
N LYS A 216 2.09 -21.55 -14.50
CA LYS A 216 1.37 -20.55 -15.29
C LYS A 216 1.33 -19.19 -14.59
N VAL A 217 2.35 -18.86 -13.82
CA VAL A 217 2.47 -17.55 -13.18
C VAL A 217 3.71 -16.87 -13.73
N ASN A 218 3.54 -15.64 -14.22
CA ASN A 218 4.59 -14.94 -14.94
C ASN A 218 5.48 -14.15 -13.98
N PHE A 219 6.78 -14.43 -14.03
CA PHE A 219 7.79 -13.64 -13.33
C PHE A 219 8.68 -12.98 -14.37
N HIS A 220 9.07 -11.75 -14.08
CA HIS A 220 9.86 -10.93 -15.00
C HIS A 220 11.10 -10.48 -14.24
N MET A 221 12.14 -11.31 -14.26
CA MET A 221 13.38 -11.04 -13.56
C MET A 221 14.18 -10.01 -14.32
N PHE A 222 14.91 -9.17 -13.61
CA PHE A 222 15.73 -8.14 -14.23
C PHE A 222 17.15 -8.23 -13.70
N ASP A 223 17.98 -9.04 -14.37
CA ASP A 223 19.39 -9.13 -14.02
C ASP A 223 20.07 -7.84 -14.44
N VAL A 224 20.52 -7.06 -13.47
CA VAL A 224 21.04 -5.72 -13.77
C VAL A 224 22.51 -5.82 -14.11
N GLY A 225 22.80 -6.09 -15.38
CA GLY A 225 24.16 -6.04 -15.86
C GLY A 225 24.47 -4.75 -16.58
N ALA A 226 25.74 -4.58 -16.94
CA ALA A 226 26.20 -3.40 -17.67
C ALA A 226 25.82 -2.11 -16.95
N GLN A 227 25.84 -2.17 -15.62
CA GLN A 227 25.57 -1.03 -14.76
C GLN A 227 26.72 -0.87 -13.77
N ARG A 228 26.99 0.38 -13.41
CA ARG A 228 28.06 0.68 -12.47
C ARG A 228 27.73 0.07 -11.10
N ASP A 229 28.79 -0.25 -10.36
CA ASP A 229 28.62 -0.86 -9.04
C ASP A 229 28.01 0.10 -8.02
N GLU A 230 27.91 1.39 -8.35
CA GLU A 230 27.21 2.34 -7.49
C GLU A 230 25.72 2.10 -7.66
N ARG A 231 25.15 1.27 -6.78
CA ARG A 231 23.78 0.80 -6.95
C ARG A 231 22.74 1.75 -6.39
N ARG A 232 23.13 2.77 -5.62
CA ARG A 232 22.19 3.45 -4.75
C ARG A 232 21.08 4.18 -5.48
N LYS A 233 21.20 4.38 -6.80
CA LYS A 233 20.17 5.12 -7.54
C LYS A 233 19.25 4.21 -8.35
N TRP A 234 19.81 3.35 -9.20
CA TRP A 234 18.96 2.48 -9.98
C TRP A 234 18.29 1.43 -9.11
N ILE A 235 18.84 1.15 -7.93
CA ILE A 235 18.20 0.21 -7.01
C ILE A 235 16.82 0.72 -6.62
N GLN A 236 16.66 2.05 -6.54
CA GLN A 236 15.37 2.64 -6.20
C GLN A 236 14.31 2.31 -7.25
N CYS A 237 14.72 1.97 -8.47
CA CYS A 237 13.74 1.56 -9.47
C CYS A 237 13.03 0.29 -9.07
N PHE A 238 13.62 -0.51 -8.20
CA PHE A 238 13.11 -1.83 -7.87
C PHE A 238 12.43 -1.89 -6.51
N ASN A 239 11.82 -0.79 -6.06
CA ASN A 239 11.11 -0.84 -4.79
C ASN A 239 9.79 -1.61 -4.89
N ASP A 240 9.13 -1.58 -6.06
CA ASP A 240 7.83 -2.20 -6.23
C ASP A 240 7.92 -3.61 -6.79
N VAL A 241 9.12 -4.15 -6.97
CA VAL A 241 9.24 -5.52 -7.43
C VAL A 241 8.71 -6.46 -6.36
N THR A 242 8.30 -7.65 -6.78
CA THR A 242 7.81 -8.64 -5.82
C THR A 242 8.90 -9.01 -4.84
N ALA A 243 10.12 -9.21 -5.32
CA ALA A 243 11.22 -9.59 -4.45
C ALA A 243 12.55 -9.20 -5.09
N ILE A 244 13.55 -9.03 -4.24
CA ILE A 244 14.94 -8.89 -4.68
C ILE A 244 15.66 -10.19 -4.38
N ILE A 245 16.08 -10.90 -5.42
CA ILE A 245 16.83 -12.13 -5.29
C ILE A 245 18.29 -11.74 -5.12
N PHE A 246 18.74 -11.70 -3.87
CA PHE A 246 20.11 -11.34 -3.54
C PHE A 246 20.96 -12.60 -3.48
N VAL A 247 21.84 -12.77 -4.46
CA VAL A 247 22.74 -13.91 -4.52
C VAL A 247 24.08 -13.49 -3.95
N VAL A 248 24.60 -14.26 -3.01
CA VAL A 248 25.83 -13.87 -2.28
C VAL A 248 27.00 -14.69 -2.81
N ALA A 249 28.17 -14.07 -2.84
CA ALA A 249 29.42 -14.72 -3.24
C ALA A 249 30.20 -15.12 -1.98
N SER A 250 29.77 -16.25 -1.41
CA SER A 250 30.32 -16.71 -0.14
C SER A 250 31.75 -17.24 -0.29
N SER A 251 31.92 -18.27 -1.11
CA SER A 251 33.19 -18.99 -1.20
C SER A 251 34.08 -18.49 -2.33
N GLN A 262 37.82 -8.31 -4.03
CA GLN A 262 37.35 -8.09 -2.67
C GLN A 262 38.05 -9.03 -1.69
N THR A 263 38.72 -8.46 -0.69
CA THR A 263 39.40 -9.26 0.31
C THR A 263 38.40 -10.12 1.09
N ASN A 264 37.28 -9.52 1.50
CA ASN A 264 36.22 -10.20 2.22
C ASN A 264 34.93 -9.97 1.42
N ARG A 265 34.68 -10.85 0.45
CA ARG A 265 33.53 -10.68 -0.41
C ARG A 265 32.23 -10.92 0.35
N LEU A 266 32.24 -11.86 1.30
CA LEU A 266 31.06 -12.16 2.07
C LEU A 266 30.62 -10.97 2.92
N GLN A 267 31.57 -10.28 3.54
CA GLN A 267 31.22 -9.11 4.34
C GLN A 267 30.69 -7.99 3.45
N ALA A 268 31.23 -7.87 2.23
CA ALA A 268 30.67 -6.91 1.28
C ALA A 268 29.24 -7.26 0.94
N ALA A 269 28.95 -8.55 0.74
CA ALA A 269 27.58 -8.97 0.50
C ALA A 269 26.69 -8.67 1.70
N LEU A 270 27.20 -8.87 2.91
CA LEU A 270 26.42 -8.55 4.10
C LEU A 270 26.11 -7.07 4.18
N LYS A 271 27.10 -6.22 3.89
CA LYS A 271 26.87 -4.79 3.89
C LYS A 271 25.86 -4.38 2.81
N LEU A 272 25.94 -4.98 1.63
CA LEU A 272 24.99 -4.68 0.57
C LEU A 272 23.58 -5.10 0.96
N PHE A 273 23.45 -6.29 1.58
CA PHE A 273 22.16 -6.75 2.05
C PHE A 273 21.61 -5.82 3.12
N ASP A 274 22.47 -5.35 4.02
CA ASP A 274 22.04 -4.41 5.04
C ASP A 274 21.56 -3.10 4.41
N SER A 275 22.28 -2.61 3.41
CA SER A 275 21.87 -1.39 2.72
C SER A 275 20.53 -1.57 2.04
N ILE A 276 20.32 -2.71 1.39
CA ILE A 276 19.03 -3.00 0.76
C ILE A 276 17.93 -3.05 1.81
N TRP A 277 18.19 -3.76 2.91
CA TRP A 277 17.18 -3.97 3.94
C TRP A 277 16.75 -2.65 4.56
N ASN A 278 17.70 -1.78 4.85
CA ASN A 278 17.39 -0.54 5.54
C ASN A 278 17.20 0.64 4.58
N ASN A 279 17.16 0.41 3.28
CA ASN A 279 16.88 1.48 2.34
C ASN A 279 15.42 1.88 2.44
N LYS A 280 15.16 3.18 2.55
CA LYS A 280 13.81 3.66 2.81
C LYS A 280 12.83 3.30 1.70
N TRP A 281 13.32 3.01 0.49
CA TRP A 281 12.44 2.61 -0.59
C TRP A 281 12.30 1.09 -0.67
N LEU A 282 13.35 0.37 -0.29
CA LEU A 282 13.30 -1.08 -0.24
C LEU A 282 12.86 -1.60 1.11
N ARG A 283 12.50 -0.72 2.04
CA ARG A 283 12.02 -1.16 3.35
C ARG A 283 10.66 -1.85 3.23
N ASP A 284 9.96 -1.70 2.12
CA ASP A 284 8.74 -2.42 1.87
C ASP A 284 8.92 -3.52 0.82
N THR A 285 10.15 -3.75 0.37
CA THR A 285 10.45 -4.73 -0.66
C THR A 285 11.06 -5.96 -0.01
N SER A 286 10.45 -7.12 -0.25
CA SER A 286 10.98 -8.36 0.28
C SER A 286 12.27 -8.74 -0.43
N VAL A 287 13.12 -9.48 0.29
CA VAL A 287 14.40 -9.93 -0.23
C VAL A 287 14.49 -11.43 -0.06
N ILE A 288 14.54 -12.15 -1.18
CA ILE A 288 14.92 -13.56 -1.16
C ILE A 288 16.44 -13.61 -1.17
N LEU A 289 17.02 -14.56 -0.44
CA LEU A 289 18.47 -14.59 -0.26
C LEU A 289 18.98 -15.96 -0.69
N PHE A 290 19.96 -15.98 -1.59
CA PHE A 290 20.54 -17.20 -2.11
C PHE A 290 22.01 -17.29 -1.74
N LEU A 291 22.32 -18.28 -0.90
CA LEU A 291 23.71 -18.62 -0.58
C LEU A 291 24.16 -19.65 -1.62
N ASN A 292 24.67 -19.13 -2.74
CA ASN A 292 24.78 -19.85 -4.00
C ASN A 292 25.91 -20.88 -4.00
N LYS A 293 26.94 -20.68 -3.19
CA LYS A 293 28.19 -21.40 -3.37
C LYS A 293 28.32 -22.52 -2.34
N GLN A 294 27.21 -23.21 -2.09
CA GLN A 294 27.18 -24.20 -1.01
C GLN A 294 28.16 -25.35 -1.26
N ASP A 295 28.21 -25.86 -2.49
CA ASP A 295 29.14 -26.94 -2.80
C ASP A 295 30.58 -26.44 -2.71
N LEU A 296 30.86 -25.26 -3.26
CA LEU A 296 32.21 -24.71 -3.18
C LEU A 296 32.56 -24.30 -1.76
N LEU A 297 31.59 -23.79 -1.00
CA LEU A 297 31.84 -23.50 0.41
C LEU A 297 32.17 -24.77 1.17
N ALA A 298 31.48 -25.87 0.87
CA ALA A 298 31.80 -27.15 1.49
C ALA A 298 33.23 -27.57 1.14
N GLU A 299 33.58 -27.46 -0.14
CA GLU A 299 34.91 -27.87 -0.58
C GLU A 299 36.00 -27.05 0.11
N LYS A 300 35.77 -25.74 0.24
CA LYS A 300 36.77 -24.86 0.85
C LYS A 300 36.84 -25.00 2.37
N VAL A 301 35.71 -25.22 3.04
CA VAL A 301 35.73 -25.41 4.48
C VAL A 301 36.38 -26.74 4.84
N LEU A 302 36.02 -27.81 4.13
CA LEU A 302 36.60 -29.11 4.42
C LEU A 302 38.09 -29.16 4.10
N ALA A 303 38.53 -28.41 3.09
CA ALA A 303 39.95 -28.31 2.78
C ALA A 303 40.66 -27.24 3.60
N GLY A 304 39.93 -26.45 4.38
CA GLY A 304 40.54 -25.39 5.17
C GLY A 304 40.95 -24.18 4.38
N LYS A 305 40.52 -24.05 3.12
CA LYS A 305 40.95 -22.94 2.29
C LYS A 305 40.06 -21.71 2.48
N SER A 306 38.78 -21.90 2.83
CA SER A 306 37.89 -20.77 3.03
C SER A 306 38.34 -19.90 4.20
N LYS A 307 38.84 -20.53 5.26
CA LYS A 307 39.26 -19.87 6.51
C LYS A 307 38.29 -18.75 6.89
N ILE A 308 37.01 -19.10 6.96
CA ILE A 308 35.97 -18.14 7.34
C ILE A 308 36.15 -17.70 8.78
N GLU A 309 36.79 -18.54 9.61
CA GLU A 309 36.91 -18.25 11.02
C GLU A 309 37.72 -16.98 11.29
N ASP A 310 38.64 -16.62 10.38
CA ASP A 310 39.39 -15.39 10.56
C ASP A 310 38.67 -14.18 10.00
N TYR A 311 37.90 -14.34 8.92
CA TYR A 311 37.04 -13.25 8.47
C TYR A 311 35.87 -13.04 9.43
N PHE A 312 35.59 -14.01 10.30
CA PHE A 312 34.52 -13.91 11.28
C PHE A 312 34.94 -14.62 12.55
N PRO A 313 35.52 -13.90 13.51
CA PRO A 313 35.91 -14.55 14.78
C PRO A 313 34.76 -15.17 15.53
N GLU A 314 33.55 -14.61 15.41
CA GLU A 314 32.41 -15.19 16.12
C GLU A 314 32.07 -16.57 15.59
N PHE A 315 32.55 -16.93 14.40
CA PHE A 315 32.39 -18.28 13.90
C PHE A 315 33.22 -19.30 14.68
N ALA A 316 34.23 -18.85 15.42
CA ALA A 316 34.99 -19.73 16.30
C ALA A 316 34.20 -20.11 17.55
N ARG A 317 33.09 -19.42 17.82
CA ARG A 317 32.18 -19.81 18.90
C ARG A 317 30.78 -20.15 18.42
N TYR A 318 30.46 -19.96 17.15
CA TYR A 318 29.15 -20.30 16.64
C TYR A 318 28.94 -21.81 16.65
N THR A 319 27.70 -22.21 16.91
CA THR A 319 27.32 -23.61 16.93
C THR A 319 26.09 -23.81 16.06
N THR A 320 25.97 -25.01 15.49
CA THR A 320 24.82 -25.34 14.67
C THR A 320 23.54 -25.23 15.49
N PRO A 321 22.56 -24.44 15.04
CA PRO A 321 21.34 -24.26 15.81
C PRO A 321 20.49 -25.53 15.82
N GLU A 322 19.59 -25.59 16.81
CA GLU A 322 18.75 -26.77 16.98
C GLU A 322 17.77 -26.92 15.82
N ASP A 323 17.31 -25.82 15.24
CA ASP A 323 16.38 -25.88 14.12
C ASP A 323 17.06 -26.23 12.81
N ALA A 324 18.39 -26.30 12.79
CA ALA A 324 19.10 -26.56 11.54
C ALA A 324 18.85 -27.99 11.08
N THR A 325 18.56 -28.14 9.79
CA THR A 325 18.47 -29.46 9.17
C THR A 325 19.66 -29.67 8.24
N PRO A 326 20.60 -30.52 8.61
CA PRO A 326 21.74 -30.80 7.73
C PRO A 326 21.29 -31.41 6.42
N GLU A 327 22.03 -31.07 5.36
CA GLU A 327 21.82 -31.71 4.08
C GLU A 327 22.27 -33.17 4.15
N PRO A 328 21.68 -34.04 3.34
CA PRO A 328 22.10 -35.46 3.35
C PRO A 328 23.56 -35.60 2.95
N GLY A 329 24.35 -36.17 3.86
CA GLY A 329 25.77 -36.34 3.62
C GLY A 329 26.62 -35.10 3.82
N GLU A 330 26.06 -34.03 4.39
CA GLU A 330 26.82 -32.81 4.60
C GLU A 330 27.66 -32.92 5.86
N ASP A 331 28.90 -32.44 5.78
CA ASP A 331 29.78 -32.45 6.94
C ASP A 331 29.27 -31.43 7.98
N PRO A 332 29.40 -31.74 9.27
CA PRO A 332 28.95 -30.79 10.30
C PRO A 332 29.62 -29.43 10.21
N ARG A 333 30.88 -29.36 9.80
CA ARG A 333 31.51 -28.06 9.61
C ARG A 333 30.83 -27.26 8.50
N VAL A 334 30.45 -27.93 7.41
CA VAL A 334 29.76 -27.25 6.33
C VAL A 334 28.41 -26.71 6.81
N THR A 335 27.66 -27.52 7.55
CA THR A 335 26.38 -27.08 8.08
C THR A 335 26.57 -25.91 9.03
N ARG A 336 27.59 -25.98 9.89
CA ARG A 336 27.85 -24.88 10.81
C ARG A 336 28.19 -23.61 10.07
N ALA A 337 29.02 -23.70 9.01
CA ALA A 337 29.37 -22.53 8.23
C ALA A 337 28.16 -21.93 7.53
N LYS A 338 27.38 -22.76 6.84
CA LYS A 338 26.23 -22.25 6.10
C LYS A 338 25.20 -21.62 7.03
N TYR A 339 24.95 -22.25 8.17
CA TYR A 339 23.97 -21.68 9.09
C TYR A 339 24.54 -20.46 9.80
N PHE A 340 25.86 -20.36 9.94
CA PHE A 340 26.44 -19.11 10.42
C PHE A 340 26.20 -17.99 9.43
N ILE A 341 26.34 -18.29 8.14
CA ILE A 341 26.09 -17.26 7.12
C ILE A 341 24.62 -16.83 7.17
N ARG A 342 23.73 -17.81 7.26
CA ARG A 342 22.31 -17.51 7.34
C ARG A 342 21.98 -16.70 8.58
N ASP A 343 22.61 -17.04 9.71
CA ASP A 343 22.35 -16.30 10.94
C ASP A 343 22.92 -14.90 10.87
N GLU A 344 24.03 -14.69 10.17
CA GLU A 344 24.52 -13.33 9.96
C GLU A 344 23.51 -12.50 9.16
N PHE A 345 23.01 -13.08 8.07
CA PHE A 345 22.06 -12.34 7.24
C PHE A 345 20.74 -12.12 7.96
N LEU A 346 20.33 -13.09 8.80
CA LEU A 346 19.11 -12.90 9.57
C LEU A 346 19.32 -11.95 10.75
N ARG A 347 20.55 -11.85 11.25
CA ARG A 347 20.87 -10.82 12.22
C ARG A 347 20.70 -9.45 11.59
N ILE A 348 21.13 -9.31 10.34
CA ILE A 348 20.90 -8.05 9.62
C ILE A 348 19.41 -7.82 9.41
N SER A 349 18.69 -8.84 8.95
CA SER A 349 17.31 -8.65 8.52
C SER A 349 16.38 -8.41 9.69
N THR A 350 16.47 -9.24 10.73
CA THR A 350 15.53 -9.14 11.85
C THR A 350 15.73 -7.85 12.63
N ALA A 351 16.95 -7.33 12.65
CA ALA A 351 17.22 -6.04 13.28
C ALA A 351 16.51 -4.95 12.48
N SER A 352 15.49 -4.33 13.09
CA SER A 352 14.67 -3.31 12.45
C SER A 352 14.00 -3.85 11.18
N GLY A 353 13.45 -5.05 11.30
CA GLY A 353 12.66 -5.62 10.23
C GLY A 353 11.24 -5.09 10.25
N ASP A 354 10.57 -5.25 11.39
CA ASP A 354 9.27 -4.65 11.67
C ASP A 354 8.16 -5.19 10.77
N GLY A 355 8.36 -6.35 10.16
CA GLY A 355 7.33 -7.00 9.38
C GLY A 355 6.90 -6.29 8.11
N ARG A 356 7.42 -5.10 7.83
CA ARG A 356 7.06 -4.41 6.59
C ARG A 356 7.61 -5.14 5.37
N HIS A 357 8.71 -5.87 5.54
CA HIS A 357 9.30 -6.67 4.47
C HIS A 357 10.00 -7.86 5.11
N TYR A 358 10.23 -8.90 4.31
CA TYR A 358 10.64 -10.19 4.83
C TYR A 358 11.86 -10.70 4.07
N CYS A 359 12.73 -11.41 4.80
CA CYS A 359 13.91 -12.02 4.24
C CYS A 359 13.71 -13.52 4.15
N TYR A 360 14.14 -14.11 3.03
CA TYR A 360 13.98 -15.54 2.78
C TYR A 360 15.34 -16.12 2.42
N PRO A 361 16.18 -16.45 3.41
CA PRO A 361 17.45 -17.10 3.10
C PRO A 361 17.24 -18.51 2.58
N HIS A 362 18.14 -18.95 1.70
CA HIS A 362 18.08 -20.30 1.16
C HIS A 362 19.48 -20.82 0.91
N PHE A 363 19.63 -22.15 0.97
CA PHE A 363 20.88 -22.82 0.65
C PHE A 363 20.72 -23.48 -0.71
N THR A 364 21.44 -22.96 -1.71
CA THR A 364 21.27 -23.41 -3.08
C THR A 364 22.63 -23.59 -3.75
N CYS A 365 22.65 -24.44 -4.77
CA CYS A 365 23.79 -24.57 -5.65
C CYS A 365 23.51 -23.83 -6.96
N ALA A 366 24.57 -23.66 -7.76
CA ALA A 366 24.43 -22.93 -9.01
C ALA A 366 23.49 -23.65 -9.97
N VAL A 367 23.57 -24.99 -10.05
CA VAL A 367 22.76 -25.74 -11.00
C VAL A 367 21.47 -26.27 -10.42
N ASP A 368 21.07 -25.80 -9.24
CA ASP A 368 19.84 -26.29 -8.62
C ASP A 368 18.60 -25.86 -9.41
N THR A 369 17.80 -26.83 -9.83
CA THR A 369 16.54 -26.52 -10.48
C THR A 369 15.50 -26.02 -9.50
N GLU A 370 15.71 -26.24 -8.19
CA GLU A 370 14.79 -25.75 -7.17
C GLU A 370 14.80 -24.23 -7.07
N ASN A 371 15.78 -23.57 -7.69
CA ASN A 371 15.95 -22.13 -7.52
C ASN A 371 14.71 -21.36 -7.94
N ILE A 372 14.01 -21.83 -8.97
CA ILE A 372 12.75 -21.19 -9.34
C ILE A 372 11.70 -21.42 -8.26
N ARG A 373 11.52 -22.65 -7.81
CA ARG A 373 10.46 -22.94 -6.85
C ARG A 373 10.67 -22.19 -5.55
N ARG A 374 11.91 -22.22 -5.03
CA ARG A 374 12.20 -21.49 -3.80
C ARG A 374 11.90 -20.00 -3.97
N VAL A 375 12.09 -19.47 -5.18
CA VAL A 375 11.65 -18.10 -5.42
C VAL A 375 10.13 -18.04 -5.48
N PHE A 376 9.53 -18.89 -6.33
CA PHE A 376 8.10 -18.80 -6.58
C PHE A 376 7.31 -18.91 -5.29
N ASN A 377 7.56 -19.97 -4.52
CA ASN A 377 6.91 -20.12 -3.23
C ASN A 377 7.07 -18.85 -2.39
N ASP A 378 8.31 -18.37 -2.27
CA ASP A 378 8.53 -17.15 -1.50
C ASP A 378 7.72 -16.00 -2.08
N CYS A 379 7.73 -15.84 -3.40
CA CYS A 379 6.89 -14.83 -4.03
C CYS A 379 5.45 -15.00 -3.58
N ARG A 380 4.92 -16.22 -3.68
CA ARG A 380 3.57 -16.48 -3.20
C ARG A 380 3.45 -16.03 -1.76
N ASP A 381 4.37 -16.49 -0.90
CA ASP A 381 4.35 -16.08 0.49
C ASP A 381 4.31 -14.56 0.60
N ILE A 382 5.20 -13.88 -0.12
CA ILE A 382 5.25 -12.43 -0.05
C ILE A 382 3.88 -11.86 -0.39
N ILE A 383 3.31 -12.33 -1.51
CA ILE A 383 2.01 -11.84 -1.92
C ILE A 383 1.00 -12.06 -0.81
N GLN A 384 0.96 -13.29 -0.28
CA GLN A 384 0.03 -13.58 0.79
C GLN A 384 0.22 -12.61 1.93
N ARG A 385 1.47 -12.43 2.37
CA ARG A 385 1.71 -11.56 3.50
C ARG A 385 1.28 -10.14 3.19
N MET A 386 1.53 -9.69 1.96
CA MET A 386 1.10 -8.35 1.58
C MET A 386 -0.41 -8.21 1.76
N HIS A 387 -1.16 -9.22 1.32
CA HIS A 387 -2.61 -9.19 1.49
C HIS A 387 -2.96 -9.05 2.96
N LEU A 388 -2.28 -9.81 3.82
CA LEU A 388 -2.54 -9.72 5.24
C LEU A 388 -2.20 -8.33 5.77
N ARG A 389 -1.12 -7.73 5.28
CA ARG A 389 -0.79 -6.38 5.70
C ARG A 389 -1.87 -5.40 5.24
N GLN A 390 -2.55 -5.72 4.14
CA GLN A 390 -3.66 -4.90 3.70
C GLN A 390 -4.89 -5.07 4.59
N TYR A 391 -5.02 -6.20 5.28
CA TYR A 391 -6.15 -6.47 6.15
C TYR A 391 -5.83 -6.17 7.61
N GLU A 392 -4.64 -5.67 7.91
CA GLU A 392 -4.15 -5.44 9.26
C GLU A 392 -4.11 -6.74 10.07
N LEU A 393 -4.01 -7.88 9.39
CA LEU A 393 -3.87 -9.16 10.07
C LEU A 393 -2.44 -9.45 10.51
N LEU A 394 -1.48 -8.64 10.07
CA LEU A 394 -0.10 -8.79 10.49
C LEU A 394 0.50 -7.43 10.85
N LEU B 4 51.58 11.39 -9.87
CA LEU B 4 50.21 11.49 -9.39
C LEU B 4 50.12 12.38 -8.15
N ASP B 5 51.12 12.32 -7.27
CA ASP B 5 51.13 13.19 -6.10
C ASP B 5 51.26 14.66 -6.50
N GLN B 6 52.07 14.96 -7.51
CA GLN B 6 52.18 16.32 -8.00
C GLN B 6 50.85 16.82 -8.56
N LEU B 7 50.17 15.97 -9.33
CA LEU B 7 48.86 16.35 -9.86
C LEU B 7 47.85 16.54 -8.73
N ARG B 8 47.91 15.70 -7.70
CA ARG B 8 47.02 15.86 -6.56
C ARG B 8 47.27 17.19 -5.85
N GLN B 9 48.54 17.54 -5.66
CA GLN B 9 48.87 18.81 -5.02
C GLN B 9 48.40 19.99 -5.86
N GLU B 10 48.60 19.91 -7.18
CA GLU B 10 48.15 20.98 -8.06
C GLU B 10 46.63 21.11 -8.03
N ALA B 11 45.92 19.97 -8.02
CA ALA B 11 44.47 20.00 -7.93
C ALA B 11 44.01 20.61 -6.63
N GLU B 12 44.67 20.26 -5.52
CA GLU B 12 44.32 20.86 -4.23
C GLU B 12 44.53 22.37 -4.24
N GLN B 13 45.66 22.82 -4.79
CA GLN B 13 45.91 24.26 -4.85
C GLN B 13 44.89 24.97 -5.73
N LEU B 14 44.53 24.37 -6.87
CA LEU B 14 43.50 24.95 -7.72
C LEU B 14 42.15 24.99 -7.00
N LYS B 15 41.85 23.96 -6.21
CA LYS B 15 40.61 23.94 -5.44
C LYS B 15 40.60 25.07 -4.42
N ASN B 16 41.72 25.28 -3.72
CA ASN B 16 41.79 26.39 -2.78
C ASN B 16 41.63 27.73 -3.51
N GLN B 17 42.26 27.88 -4.67
CA GLN B 17 42.14 29.12 -5.42
C GLN B 17 40.68 29.37 -5.84
N ILE B 18 40.01 28.32 -6.30
CA ILE B 18 38.62 28.45 -6.74
C ILE B 18 37.73 28.80 -5.55
N ARG B 19 37.95 28.14 -4.40
CA ARG B 19 37.18 28.44 -3.21
C ARG B 19 37.38 29.89 -2.77
N ASP B 20 38.63 30.36 -2.81
CA ASP B 20 38.91 31.74 -2.43
C ASP B 20 38.27 32.71 -3.41
N ALA B 21 38.30 32.40 -4.70
CA ALA B 21 37.66 33.27 -5.69
C ALA B 21 36.16 33.34 -5.46
N ARG B 22 35.53 32.19 -5.16
CA ARG B 22 34.10 32.18 -4.88
C ARG B 22 33.78 32.96 -3.61
N LYS B 23 34.61 32.82 -2.58
CA LYS B 23 34.40 33.55 -1.34
C LYS B 23 34.54 35.05 -1.56
N ALA B 24 35.53 35.47 -2.34
CA ALA B 24 35.70 36.89 -2.63
C ALA B 24 34.51 37.45 -3.40
N CYS B 25 33.98 36.66 -4.34
CA CYS B 25 32.83 37.10 -5.12
C CYS B 25 31.53 37.02 -4.35
N ALA B 26 31.51 36.37 -3.18
CA ALA B 26 30.25 36.22 -2.43
C ALA B 26 30.54 36.51 -0.96
N ASP B 27 30.27 37.75 -0.55
CA ASP B 27 30.24 38.11 0.86
C ASP B 27 28.84 38.06 1.45
N ALA B 28 27.83 37.82 0.62
CA ALA B 28 26.44 37.78 1.08
C ALA B 28 25.66 36.82 0.21
N THR B 29 24.54 36.34 0.73
CA THR B 29 23.69 35.39 0.04
C THR B 29 22.53 36.11 -0.65
N LEU B 30 21.66 35.30 -1.26
CA LEU B 30 20.52 35.86 -2.01
C LEU B 30 19.56 36.59 -1.10
N SER B 31 19.30 36.04 0.09
CA SER B 31 18.34 36.64 1.00
C SER B 31 18.78 38.02 1.47
N GLN B 32 20.07 38.20 1.71
CA GLN B 32 20.57 39.49 2.19
C GLN B 32 20.48 40.57 1.12
N ILE B 33 20.32 40.19 -0.14
CA ILE B 33 20.17 41.18 -1.20
C ILE B 33 18.69 41.39 -1.54
N THR B 34 17.88 40.34 -1.42
CA THR B 34 16.47 40.41 -1.78
C THR B 34 15.57 40.83 -0.62
N ASN B 35 16.08 41.61 0.33
CA ASN B 35 15.23 42.12 1.40
C ASN B 35 14.12 43.01 0.88
N ASN B 36 14.36 43.67 -0.26
CA ASN B 36 13.41 44.63 -0.82
C ASN B 36 12.32 43.98 -1.66
N ILE B 37 12.44 42.71 -2.01
CA ILE B 37 11.44 42.06 -2.85
C ILE B 37 10.25 41.65 -2.00
N ASP B 38 9.07 41.66 -2.59
CA ASP B 38 7.85 41.37 -1.85
C ASP B 38 7.71 39.87 -1.65
N PRO B 39 7.49 39.41 -0.41
CA PRO B 39 7.18 37.99 -0.20
C PRO B 39 5.90 37.59 -0.93
N VAL B 40 5.90 36.37 -1.47
CA VAL B 40 4.75 35.91 -2.25
C VAL B 40 3.60 35.45 -1.36
N GLY B 41 3.86 35.24 -0.07
CA GLY B 41 2.83 34.73 0.80
C GLY B 41 2.56 33.25 0.55
N ARG B 42 1.43 32.79 1.07
CA ARG B 42 1.04 31.40 0.93
C ARG B 42 0.45 31.16 -0.45
N ILE B 43 1.05 30.24 -1.20
CA ILE B 43 0.55 29.88 -2.52
C ILE B 43 -0.46 28.74 -2.37
N GLN B 44 -1.74 29.08 -2.43
CA GLN B 44 -2.79 28.09 -2.25
C GLN B 44 -3.05 27.35 -3.56
N MET B 45 -1.99 26.77 -4.13
CA MET B 45 -2.11 26.05 -5.39
C MET B 45 -2.91 24.76 -5.18
N ARG B 46 -3.77 24.46 -6.15
CA ARG B 46 -4.72 23.37 -6.01
C ARG B 46 -4.69 22.50 -7.25
N THR B 47 -5.04 21.22 -7.07
CA THR B 47 -5.09 20.29 -8.18
C THR B 47 -6.34 20.52 -9.01
N ARG B 48 -6.16 20.63 -10.32
CA ARG B 48 -7.24 20.78 -11.27
C ARG B 48 -7.51 19.53 -12.10
N ARG B 49 -6.47 18.78 -12.45
CA ARG B 49 -6.63 17.52 -13.17
C ARG B 49 -5.79 16.46 -12.49
N THR B 50 -6.25 15.21 -12.57
CA THR B 50 -5.49 14.06 -12.15
C THR B 50 -5.45 13.05 -13.28
N LEU B 51 -4.26 12.80 -13.80
CA LEU B 51 -4.08 11.93 -14.96
C LEU B 51 -3.90 10.50 -14.46
N ARG B 52 -4.93 9.69 -14.65
CA ARG B 52 -4.95 8.31 -14.17
C ARG B 52 -4.84 7.38 -15.37
N GLY B 53 -4.14 6.25 -15.18
CA GLY B 53 -3.95 5.30 -16.25
C GLY B 53 -2.60 4.65 -16.22
N HIS B 54 -1.66 5.30 -15.52
CA HIS B 54 -0.32 4.70 -15.31
C HIS B 54 -0.43 3.62 -14.23
N LEU B 55 0.18 2.46 -14.43
CA LEU B 55 0.11 1.34 -13.51
C LEU B 55 1.21 1.38 -12.45
N ALA B 56 2.44 1.70 -12.86
CA ALA B 56 3.56 1.74 -11.90
C ALA B 56 3.89 3.18 -11.49
N LYS B 57 5.09 3.41 -10.99
CA LYS B 57 5.46 4.75 -10.47
C LYS B 57 5.96 5.64 -11.60
N ILE B 58 5.16 6.63 -12.01
CA ILE B 58 5.67 7.57 -13.03
C ILE B 58 7.06 7.95 -12.54
N TYR B 59 8.09 7.63 -13.31
CA TYR B 59 9.46 8.01 -12.92
C TYR B 59 9.83 9.32 -13.60
N ALA B 60 9.03 9.71 -14.59
CA ALA B 60 9.38 10.93 -15.34
C ALA B 60 8.20 11.47 -16.13
N MET B 61 8.20 12.78 -16.36
CA MET B 61 7.21 13.36 -17.26
C MET B 61 7.81 14.58 -17.92
N HIS B 62 7.26 14.95 -19.06
CA HIS B 62 7.69 16.17 -19.75
C HIS B 62 6.52 16.81 -20.45
N TRP B 63 6.45 18.14 -20.37
CA TRP B 63 5.40 18.89 -21.00
C TRP B 63 5.65 19.04 -22.51
N GLY B 64 4.63 19.56 -23.20
CA GLY B 64 4.83 20.01 -24.56
C GLY B 64 5.11 21.50 -24.61
N THR B 65 5.67 21.93 -25.75
CA THR B 65 5.88 23.36 -25.93
C THR B 65 4.57 24.11 -26.07
N ASP B 66 3.52 23.44 -26.53
CA ASP B 66 2.19 24.04 -26.54
C ASP B 66 1.59 24.18 -25.15
N SER B 67 2.23 23.57 -24.14
CA SER B 67 1.78 23.60 -22.76
C SER B 67 0.43 22.93 -22.58
N ARG B 68 0.03 22.11 -23.53
CA ARG B 68 -1.22 21.36 -23.45
C ARG B 68 -1.00 19.86 -23.41
N LEU B 69 -0.25 19.31 -24.36
CA LEU B 69 0.10 17.91 -24.34
C LEU B 69 1.32 17.70 -23.45
N LEU B 70 1.33 16.57 -22.75
CA LEU B 70 2.47 16.23 -21.92
C LEU B 70 2.76 14.74 -22.01
N VAL B 71 4.02 14.39 -22.06
CA VAL B 71 4.41 12.99 -22.08
C VAL B 71 4.81 12.58 -20.66
N SER B 72 4.39 11.38 -20.26
CA SER B 72 4.73 10.86 -18.95
C SER B 72 5.24 9.43 -19.10
N ALA B 73 6.20 9.09 -18.28
CA ALA B 73 6.84 7.76 -18.36
C ALA B 73 6.55 6.97 -17.11
N SER B 74 6.00 5.77 -17.27
CA SER B 74 5.81 4.91 -16.08
C SER B 74 6.73 3.72 -16.24
N GLN B 75 7.21 3.22 -15.13
CA GLN B 75 8.10 2.07 -15.11
C GLN B 75 7.35 0.74 -15.22
N ASP B 76 6.05 0.80 -15.50
CA ASP B 76 5.34 -0.35 -16.05
C ASP B 76 5.67 -0.56 -17.52
N GLY B 77 6.44 0.35 -18.10
CA GLY B 77 6.75 0.29 -19.51
C GLY B 77 5.77 1.06 -20.37
N LYS B 78 5.40 2.28 -19.96
CA LYS B 78 4.44 3.05 -20.71
C LYS B 78 4.89 4.49 -20.88
N LEU B 79 4.82 4.97 -22.11
CA LEU B 79 4.99 6.38 -22.42
C LEU B 79 3.65 6.93 -22.91
N ILE B 80 2.97 7.68 -22.06
CA ILE B 80 1.60 8.10 -22.33
C ILE B 80 1.57 9.62 -22.50
N ILE B 81 1.00 10.07 -23.61
CA ILE B 81 0.81 11.49 -23.88
C ILE B 81 -0.60 11.86 -23.49
N TRP B 82 -0.72 12.85 -22.61
CA TRP B 82 -1.99 13.29 -22.07
C TRP B 82 -2.29 14.68 -22.59
N ASP B 83 -3.50 14.86 -23.10
CA ASP B 83 -4.04 16.19 -23.35
C ASP B 83 -4.52 16.74 -22.01
N SER B 84 -3.65 17.50 -21.33
CA SER B 84 -3.91 17.89 -19.96
C SER B 84 -5.21 18.67 -19.82
N TYR B 85 -5.59 19.42 -20.85
CA TYR B 85 -6.83 20.18 -20.79
C TYR B 85 -8.03 19.26 -20.64
N THR B 86 -8.14 18.27 -21.53
CA THR B 86 -9.27 17.36 -21.53
C THR B 86 -8.94 15.99 -20.98
N THR B 87 -7.81 15.85 -20.26
CA THR B 87 -7.35 14.64 -19.57
C THR B 87 -7.32 13.43 -20.49
N ASN B 88 -7.47 13.66 -21.79
CA ASN B 88 -7.51 12.57 -22.75
C ASN B 88 -6.09 12.11 -23.07
N LYS B 89 -5.89 10.80 -23.09
CA LYS B 89 -4.62 10.26 -23.54
C LYS B 89 -4.50 10.41 -25.05
N VAL B 90 -3.42 11.04 -25.49
CA VAL B 90 -3.23 11.28 -26.92
C VAL B 90 -2.56 10.09 -27.59
N HIS B 91 -1.50 9.56 -26.97
CA HIS B 91 -0.86 8.34 -27.44
C HIS B 91 -0.51 7.49 -26.24
N ALA B 92 -0.46 6.18 -26.46
CA ALA B 92 0.11 5.25 -25.48
C ALA B 92 1.16 4.43 -26.19
N ILE B 93 2.38 4.45 -25.69
CA ILE B 93 3.52 3.81 -26.32
C ILE B 93 4.06 2.75 -25.38
N PRO B 94 3.89 1.47 -25.68
CA PRO B 94 4.61 0.44 -24.92
C PRO B 94 6.10 0.55 -25.19
N LEU B 95 6.89 0.22 -24.19
CA LEU B 95 8.34 0.37 -24.26
C LEU B 95 9.00 -1.00 -24.22
N ARG B 96 10.08 -1.14 -24.99
CA ARG B 96 10.84 -2.39 -24.97
C ARG B 96 11.41 -2.66 -23.59
N SER B 97 11.94 -1.64 -22.93
CA SER B 97 12.44 -1.74 -21.57
C SER B 97 11.43 -1.08 -20.63
N SER B 98 10.86 -1.86 -19.72
CA SER B 98 9.85 -1.33 -18.82
C SER B 98 10.42 -0.32 -17.85
N TRP B 99 11.72 -0.37 -17.60
CA TRP B 99 12.33 0.48 -16.57
C TRP B 99 12.70 1.85 -17.13
N VAL B 100 11.69 2.62 -17.52
CA VAL B 100 11.95 3.97 -18.04
C VAL B 100 12.18 4.93 -16.88
N MET B 101 13.35 5.54 -16.87
CA MET B 101 13.71 6.53 -15.86
C MET B 101 13.69 7.95 -16.38
N THR B 102 13.36 8.16 -17.65
CA THR B 102 13.34 9.50 -18.20
C THR B 102 12.49 9.54 -19.45
N CYS B 103 11.91 10.70 -19.73
CA CYS B 103 11.17 10.90 -20.96
C CYS B 103 11.25 12.38 -21.34
N ALA B 104 11.27 12.62 -22.64
CA ALA B 104 11.33 13.97 -23.19
C ALA B 104 10.31 14.09 -24.29
N TYR B 105 9.85 15.32 -24.50
CA TYR B 105 8.88 15.63 -25.55
C TYR B 105 9.54 16.68 -26.45
N ALA B 106 9.66 16.38 -27.73
CA ALA B 106 10.42 17.25 -28.61
C ALA B 106 9.79 18.64 -28.68
N PRO B 107 10.59 19.70 -28.74
CA PRO B 107 10.02 21.06 -28.81
C PRO B 107 9.06 21.25 -29.98
N SER B 108 9.37 20.65 -31.14
CA SER B 108 8.42 20.68 -32.24
C SER B 108 7.19 19.83 -31.96
N GLY B 109 7.28 18.92 -30.99
CA GLY B 109 6.17 18.04 -30.66
C GLY B 109 6.05 16.81 -31.52
N ASN B 110 6.91 16.65 -32.53
CA ASN B 110 6.79 15.50 -33.42
C ASN B 110 7.30 14.22 -32.77
N TYR B 111 8.20 14.34 -31.80
CA TYR B 111 8.91 13.18 -31.29
C TYR B 111 8.90 13.18 -29.76
N VAL B 112 9.08 12.00 -29.20
CA VAL B 112 9.32 11.83 -27.77
C VAL B 112 10.55 10.95 -27.61
N ALA B 113 11.16 11.00 -26.43
CA ALA B 113 12.28 10.13 -26.12
C ALA B 113 12.04 9.49 -24.76
N CYS B 114 12.55 8.27 -24.60
CA CYS B 114 12.51 7.62 -23.31
C CYS B 114 13.71 6.70 -23.17
N GLY B 115 14.14 6.51 -21.94
CA GLY B 115 15.29 5.65 -21.70
C GLY B 115 15.37 5.34 -20.23
N GLY B 116 16.33 4.47 -19.88
CA GLY B 116 16.46 4.05 -18.51
C GLY B 116 17.52 2.99 -18.32
N LEU B 117 17.18 1.92 -17.62
CA LEU B 117 18.14 0.86 -17.34
C LEU B 117 18.59 0.13 -18.59
N ASP B 118 17.90 0.30 -19.72
CA ASP B 118 18.35 -0.30 -20.98
C ASP B 118 19.54 0.42 -21.57
N ASN B 119 19.89 1.60 -21.04
CA ASN B 119 20.98 2.46 -21.51
C ASN B 119 20.63 3.13 -22.84
N ILE B 120 19.49 2.75 -23.42
CA ILE B 120 19.19 3.18 -24.77
C ILE B 120 18.18 4.31 -24.74
N CYS B 121 18.45 5.35 -25.53
CA CYS B 121 17.51 6.47 -25.69
C CYS B 121 16.66 6.19 -26.91
N SER B 122 15.45 5.69 -26.69
CA SER B 122 14.52 5.37 -27.77
C SER B 122 13.76 6.63 -28.15
N ILE B 123 13.89 7.03 -29.40
CA ILE B 123 13.16 8.16 -29.97
C ILE B 123 11.96 7.61 -30.73
N TYR B 124 10.77 7.99 -30.27
CA TYR B 124 9.51 7.57 -30.86
C TYR B 124 8.91 8.72 -31.65
N ASN B 125 8.47 8.43 -32.87
CA ASN B 125 7.82 9.43 -33.70
C ASN B 125 6.32 9.43 -33.44
N LEU B 126 5.76 10.63 -33.29
CA LEU B 126 4.33 10.77 -33.01
C LEU B 126 3.52 10.93 -34.29
N LYS B 127 3.97 11.80 -35.20
CA LYS B 127 3.24 12.09 -36.43
C LYS B 127 3.54 11.05 -37.51
N THR B 128 3.25 9.79 -37.21
CA THR B 128 3.55 8.72 -38.15
C THR B 128 2.52 8.67 -39.28
N ARG B 129 2.98 8.22 -40.45
CA ARG B 129 2.05 7.98 -41.55
C ARG B 129 1.26 6.69 -41.33
N GLU B 130 1.83 5.73 -40.62
CA GLU B 130 1.14 4.46 -40.37
C GLU B 130 -0.07 4.64 -39.46
N GLY B 131 -0.04 5.65 -38.58
CA GLY B 131 -1.15 5.91 -37.68
C GLY B 131 -0.93 5.48 -36.25
N ASN B 132 0.21 4.89 -35.93
CA ASN B 132 0.54 4.58 -34.53
C ASN B 132 2.02 4.76 -34.33
N VAL B 133 2.41 4.97 -33.06
CA VAL B 133 3.78 5.28 -32.74
C VAL B 133 4.67 4.06 -32.91
N ARG B 134 5.78 4.25 -33.64
CA ARG B 134 6.76 3.20 -33.87
C ARG B 134 8.08 3.61 -33.25
N VAL B 135 8.98 2.64 -33.10
CA VAL B 135 10.33 2.93 -32.61
C VAL B 135 11.10 3.59 -33.75
N SER B 136 11.15 4.92 -33.75
CA SER B 136 11.77 5.62 -34.86
C SER B 136 13.28 5.50 -34.84
N ARG B 137 13.89 5.60 -33.67
CA ARG B 137 15.34 5.58 -33.58
C ARG B 137 15.73 5.04 -32.21
N GLU B 138 16.91 4.42 -32.13
CA GLU B 138 17.49 4.00 -30.87
C GLU B 138 18.89 4.57 -30.76
N LEU B 139 19.17 5.26 -29.66
CA LEU B 139 20.49 5.81 -29.39
C LEU B 139 21.15 4.96 -28.32
N ALA B 140 21.97 4.02 -28.78
CA ALA B 140 22.77 3.20 -27.88
C ALA B 140 24.19 3.71 -27.85
N GLY B 141 24.88 3.47 -26.73
CA GLY B 141 26.23 3.99 -26.57
C GLY B 141 26.54 4.39 -25.14
N HIS B 142 25.51 4.60 -24.33
CA HIS B 142 25.72 4.75 -22.90
C HIS B 142 25.93 3.38 -22.27
N THR B 143 26.87 3.31 -21.32
CA THR B 143 27.10 2.09 -20.57
C THR B 143 26.57 2.17 -19.14
N GLY B 144 25.86 3.24 -18.80
CA GLY B 144 25.19 3.36 -17.54
C GLY B 144 23.76 3.78 -17.77
N TYR B 145 22.91 3.53 -16.77
CA TYR B 145 21.48 3.76 -16.93
C TYR B 145 21.21 5.20 -17.35
N LEU B 146 20.26 5.35 -18.28
CA LEU B 146 19.94 6.66 -18.85
C LEU B 146 18.99 7.37 -17.90
N SER B 147 19.51 8.39 -17.21
CA SER B 147 18.74 9.03 -16.16
C SER B 147 17.95 10.24 -16.67
N CYS B 148 18.40 10.87 -17.73
CA CYS B 148 17.68 12.02 -18.28
C CYS B 148 17.95 12.12 -19.77
N CYS B 149 17.06 12.83 -20.45
CA CYS B 149 17.20 13.09 -21.88
C CYS B 149 16.36 14.31 -22.22
N ARG B 150 16.91 15.18 -23.06
CA ARG B 150 16.21 16.40 -23.46
C ARG B 150 16.49 16.67 -24.93
N PHE B 151 15.44 16.97 -25.68
CA PHE B 151 15.60 17.34 -27.08
C PHE B 151 16.09 18.78 -27.20
N LEU B 152 17.10 18.99 -28.05
CA LEU B 152 17.41 20.32 -28.51
C LEU B 152 16.60 20.70 -29.74
N ASP B 153 16.33 19.72 -30.59
CA ASP B 153 15.51 19.90 -31.78
C ASP B 153 15.05 18.52 -32.23
N ASP B 154 14.48 18.46 -33.44
CA ASP B 154 13.99 17.20 -33.97
C ASP B 154 15.11 16.19 -34.21
N ASN B 155 16.35 16.66 -34.33
CA ASN B 155 17.46 15.81 -34.72
C ASN B 155 18.60 15.76 -33.70
N GLN B 156 18.66 16.70 -32.78
CA GLN B 156 19.76 16.81 -31.83
C GLN B 156 19.22 16.69 -30.41
N ILE B 157 19.70 15.70 -29.66
CA ILE B 157 19.16 15.41 -28.34
C ILE B 157 20.30 15.19 -27.35
N VAL B 158 20.20 15.79 -26.16
CA VAL B 158 21.20 15.62 -25.11
C VAL B 158 20.64 14.70 -24.04
N THR B 159 21.46 13.75 -23.60
CA THR B 159 21.06 12.75 -22.62
C THR B 159 22.11 12.67 -21.53
N SER B 160 21.68 12.25 -20.34
CA SER B 160 22.60 12.02 -19.22
C SER B 160 22.41 10.58 -18.74
N SER B 161 23.51 9.98 -18.31
CA SER B 161 23.50 8.55 -18.03
C SER B 161 24.12 8.27 -16.67
N GLY B 162 23.90 7.04 -16.19
CA GLY B 162 24.52 6.62 -14.96
C GLY B 162 25.99 6.29 -15.10
N ASP B 163 26.49 6.28 -16.33
CA ASP B 163 27.90 6.03 -16.57
C ASP B 163 28.76 7.23 -16.30
N THR B 164 28.24 8.22 -15.59
CA THR B 164 28.91 9.46 -15.22
C THR B 164 29.16 10.37 -16.41
N THR B 165 28.62 10.05 -17.58
CA THR B 165 28.81 10.84 -18.78
C THR B 165 27.49 11.28 -19.37
N CYS B 166 27.51 12.43 -20.03
CA CYS B 166 26.41 12.91 -20.84
C CYS B 166 26.77 12.73 -22.31
N ALA B 167 25.76 12.62 -23.15
CA ALA B 167 25.99 12.37 -24.57
C ALA B 167 25.01 13.17 -25.41
N LEU B 168 25.53 13.93 -26.36
CA LEU B 168 24.74 14.67 -27.33
C LEU B 168 24.72 13.88 -28.62
N TRP B 169 23.52 13.51 -29.07
CA TRP B 169 23.31 12.61 -30.19
C TRP B 169 22.66 13.33 -31.35
N ASP B 170 23.09 12.99 -32.56
CA ASP B 170 22.36 13.29 -33.79
C ASP B 170 21.41 12.13 -34.05
N ILE B 171 20.11 12.41 -33.99
CA ILE B 171 19.11 11.34 -34.03
C ILE B 171 19.13 10.63 -35.38
N GLU B 172 19.32 11.38 -36.47
CA GLU B 172 19.23 10.78 -37.79
C GLU B 172 20.30 9.72 -37.99
N THR B 173 21.56 10.06 -37.72
CA THR B 173 22.63 9.09 -37.86
C THR B 173 22.68 8.10 -36.71
N GLY B 174 22.20 8.50 -35.53
CA GLY B 174 22.29 7.66 -34.36
C GLY B 174 23.63 7.67 -33.66
N GLN B 175 24.53 8.56 -34.04
CA GLN B 175 25.88 8.61 -33.49
C GLN B 175 26.03 9.75 -32.49
N GLN B 176 26.90 9.54 -31.52
CA GLN B 176 27.17 10.55 -30.50
C GLN B 176 27.87 11.74 -31.13
N THR B 177 27.16 12.85 -31.28
CA THR B 177 27.80 14.06 -31.76
C THR B 177 28.85 14.57 -30.78
N THR B 178 28.60 14.42 -29.48
CA THR B 178 29.54 14.92 -28.48
C THR B 178 29.41 14.07 -27.22
N THR B 179 30.52 13.89 -26.51
CA THR B 179 30.53 13.20 -25.23
C THR B 179 31.04 14.16 -24.16
N PHE B 180 30.25 14.33 -23.10
CA PHE B 180 30.58 15.19 -21.97
C PHE B 180 31.00 14.30 -20.81
N THR B 181 32.21 14.51 -20.31
CA THR B 181 32.75 13.70 -19.23
C THR B 181 33.38 14.60 -18.18
N GLY B 182 33.45 14.08 -16.95
CA GLY B 182 34.01 14.82 -15.85
C GLY B 182 33.31 14.56 -14.54
N HIS B 183 32.07 14.08 -14.61
CA HIS B 183 31.38 13.65 -13.39
C HIS B 183 31.96 12.35 -12.89
N THR B 184 32.01 12.20 -11.56
CA THR B 184 32.43 10.95 -10.95
C THR B 184 31.29 10.17 -10.34
N GLY B 185 30.12 10.79 -10.19
CA GLY B 185 28.93 10.12 -9.70
C GLY B 185 27.91 9.94 -10.80
N ASP B 186 26.92 9.10 -10.52
CA ASP B 186 25.84 8.84 -11.47
C ASP B 186 25.15 10.15 -11.83
N VAL B 187 25.20 10.52 -13.11
CA VAL B 187 24.54 11.75 -13.53
C VAL B 187 23.04 11.50 -13.58
N MET B 188 22.30 12.18 -12.69
CA MET B 188 20.90 11.86 -12.48
C MET B 188 19.96 12.70 -13.31
N SER B 189 20.36 13.89 -13.73
CA SER B 189 19.47 14.74 -14.50
C SER B 189 20.29 15.78 -15.25
N LEU B 190 19.64 16.41 -16.23
CA LEU B 190 20.21 17.55 -16.92
C LEU B 190 19.08 18.48 -17.31
N SER B 191 19.45 19.72 -17.65
CA SER B 191 18.49 20.73 -18.05
C SER B 191 19.11 21.55 -19.16
N LEU B 192 18.40 21.71 -20.28
CA LEU B 192 18.88 22.56 -21.35
C LEU B 192 18.62 24.02 -21.03
N ALA B 193 19.57 24.87 -21.40
CA ALA B 193 19.37 26.30 -21.26
C ALA B 193 18.32 26.77 -22.25
N PRO B 194 17.70 27.94 -22.00
CA PRO B 194 16.72 28.46 -22.96
C PRO B 194 17.28 28.63 -24.37
N ASP B 195 18.56 28.95 -24.51
CA ASP B 195 19.19 28.99 -25.81
C ASP B 195 19.68 27.64 -26.30
N THR B 196 19.58 26.61 -25.45
CA THR B 196 20.02 25.24 -25.77
C THR B 196 21.50 25.19 -26.15
N ARG B 197 22.25 26.23 -25.79
CA ARG B 197 23.70 26.22 -26.00
C ARG B 197 24.43 25.67 -24.79
N LEU B 198 23.90 25.88 -23.59
CA LEU B 198 24.47 25.37 -22.36
C LEU B 198 23.51 24.37 -21.73
N PHE B 199 24.05 23.49 -20.90
CA PHE B 199 23.19 22.59 -20.13
C PHE B 199 23.92 22.14 -18.87
N VAL B 200 23.18 22.15 -17.76
CA VAL B 200 23.71 21.79 -16.45
C VAL B 200 23.24 20.38 -16.11
N SER B 201 24.16 19.56 -15.63
CA SER B 201 23.84 18.20 -15.24
C SER B 201 24.34 17.96 -13.83
N GLY B 202 23.46 17.46 -12.96
CA GLY B 202 23.83 17.10 -11.61
C GLY B 202 24.05 15.60 -11.51
N ALA B 203 25.05 15.21 -10.71
CA ALA B 203 25.44 13.83 -10.59
C ALA B 203 25.43 13.41 -9.13
N CYS B 204 25.80 12.16 -8.88
CA CYS B 204 25.83 11.62 -7.53
C CYS B 204 27.18 11.87 -6.88
N ASP B 205 27.91 12.87 -7.35
CA ASP B 205 29.13 13.33 -6.69
C ASP B 205 28.93 14.66 -5.99
N ALA B 206 27.67 15.03 -5.74
CA ALA B 206 27.28 16.28 -5.09
C ALA B 206 27.71 17.51 -5.87
N SER B 207 28.09 17.35 -7.13
CA SER B 207 28.54 18.46 -7.97
C SER B 207 27.68 18.56 -9.22
N ALA B 208 27.34 19.79 -9.59
CA ALA B 208 26.58 20.06 -10.80
C ALA B 208 27.47 20.74 -11.81
N LYS B 209 27.63 20.11 -12.98
CA LYS B 209 28.55 20.59 -13.99
C LYS B 209 27.80 21.23 -15.15
N LEU B 210 28.22 22.43 -15.54
CA LEU B 210 27.67 23.14 -16.67
C LEU B 210 28.54 22.91 -17.91
N TRP B 211 27.89 22.53 -19.01
CA TRP B 211 28.60 22.22 -20.24
C TRP B 211 28.10 23.13 -21.36
N ASP B 212 29.02 23.51 -22.23
CA ASP B 212 28.67 24.17 -23.49
C ASP B 212 28.56 23.09 -24.55
N VAL B 213 27.37 23.00 -25.16
CA VAL B 213 27.04 21.83 -25.98
C VAL B 213 27.91 21.75 -27.23
N ARG B 214 28.25 22.90 -27.81
CA ARG B 214 28.91 22.89 -29.12
C ARG B 214 30.29 22.23 -29.07
N GLU B 215 31.10 22.53 -28.07
CA GLU B 215 32.44 21.95 -28.01
C GLU B 215 32.55 20.80 -27.02
N GLY B 216 31.67 20.72 -26.03
CA GLY B 216 31.65 19.58 -25.14
C GLY B 216 32.61 19.63 -23.97
N MET B 217 32.95 20.82 -23.49
CA MET B 217 33.82 20.95 -22.32
C MET B 217 33.00 21.40 -21.12
N CYS B 218 33.38 20.91 -19.94
CA CYS B 218 32.73 21.33 -18.71
C CYS B 218 33.16 22.75 -18.37
N ARG B 219 32.25 23.70 -18.57
CA ARG B 219 32.60 25.10 -18.32
C ARG B 219 32.83 25.35 -16.84
N GLN B 220 31.92 24.90 -15.99
CA GLN B 220 32.00 25.16 -14.55
C GLN B 220 31.54 23.93 -13.80
N THR B 221 32.00 23.78 -12.57
CA THR B 221 31.58 22.70 -11.68
C THR B 221 31.14 23.33 -10.37
N PHE B 222 29.84 23.58 -10.25
CA PHE B 222 29.29 24.18 -9.04
C PHE B 222 29.16 23.11 -7.96
N THR B 223 29.67 23.42 -6.77
CA THR B 223 29.63 22.51 -5.65
C THR B 223 29.05 23.21 -4.44
N GLY B 224 28.74 22.43 -3.41
CA GLY B 224 28.11 22.94 -2.22
C GLY B 224 27.08 21.97 -1.69
N HIS B 225 26.52 21.15 -2.57
CA HIS B 225 25.60 20.12 -2.12
C HIS B 225 26.35 19.05 -1.34
N GLU B 226 25.65 18.43 -0.40
CA GLU B 226 26.29 17.48 0.49
C GLU B 226 26.13 16.03 0.02
N SER B 227 25.12 15.74 -0.79
CA SER B 227 24.87 14.37 -1.22
C SER B 227 24.49 14.37 -2.69
N ASP B 228 24.00 13.22 -3.15
CA ASP B 228 23.69 13.03 -4.56
C ASP B 228 22.67 14.05 -5.04
N ILE B 229 22.93 14.65 -6.20
CA ILE B 229 22.00 15.57 -6.82
C ILE B 229 21.08 14.75 -7.73
N ASN B 230 19.77 14.87 -7.50
CA ASN B 230 18.80 14.01 -8.22
C ASN B 230 17.99 14.86 -9.19
N ALA B 231 18.05 16.18 -9.05
CA ALA B 231 17.22 17.06 -9.88
C ALA B 231 17.96 18.34 -10.19
N ILE B 232 17.75 18.86 -11.39
CA ILE B 232 18.41 20.09 -11.81
C ILE B 232 17.55 20.75 -12.87
N CYS B 233 17.57 22.08 -12.90
CA CYS B 233 16.78 22.83 -13.85
C CYS B 233 17.31 24.26 -13.92
N PHE B 234 17.39 24.80 -15.12
CA PHE B 234 17.76 26.20 -15.29
C PHE B 234 16.68 27.13 -14.77
N PHE B 235 17.12 28.20 -14.12
CA PHE B 235 16.27 29.35 -13.90
C PHE B 235 15.88 29.91 -15.26
N PRO B 236 14.65 30.41 -15.42
CA PRO B 236 14.15 30.75 -16.76
C PRO B 236 15.01 31.73 -17.53
N ASN B 237 15.77 32.60 -16.87
CA ASN B 237 16.64 33.50 -17.62
C ASN B 237 17.81 32.77 -18.27
N GLY B 238 18.11 31.55 -17.82
CA GLY B 238 19.24 30.81 -18.34
C GLY B 238 20.57 31.16 -17.74
N ASN B 239 20.62 32.16 -16.86
CA ASN B 239 21.86 32.56 -16.20
C ASN B 239 21.94 32.02 -14.77
N ALA B 240 21.04 31.14 -14.39
CA ALA B 240 21.07 30.50 -13.08
C ALA B 240 20.36 29.16 -13.19
N PHE B 241 20.58 28.28 -12.22
CA PHE B 241 19.87 27.02 -12.20
C PHE B 241 19.67 26.59 -10.75
N ALA B 242 18.93 25.50 -10.57
CA ALA B 242 18.66 24.97 -9.25
C ALA B 242 18.85 23.45 -9.26
N THR B 243 19.19 22.93 -8.09
CA THR B 243 19.45 21.51 -7.92
C THR B 243 18.74 21.02 -6.67
N GLY B 244 18.24 19.80 -6.72
CA GLY B 244 17.72 19.11 -5.55
C GLY B 244 18.64 17.93 -5.25
N SER B 245 18.89 17.69 -3.97
CA SER B 245 19.85 16.67 -3.57
C SER B 245 19.26 15.82 -2.46
N ASP B 246 19.93 14.68 -2.22
CA ASP B 246 19.53 13.80 -1.14
C ASP B 246 19.79 14.38 0.23
N ASP B 247 20.54 15.48 0.31
CA ASP B 247 20.78 16.15 1.59
C ASP B 247 19.58 16.95 2.09
N ALA B 248 18.43 16.77 1.43
CA ALA B 248 17.17 17.43 1.80
C ALA B 248 17.21 18.94 1.59
N THR B 249 18.16 19.43 0.81
CA THR B 249 18.26 20.85 0.51
C THR B 249 18.26 21.08 -0.98
N CYS B 250 17.53 22.09 -1.42
CA CYS B 250 17.65 22.61 -2.77
C CYS B 250 18.66 23.74 -2.77
N ARG B 251 19.33 23.93 -3.90
CA ARG B 251 20.31 25.00 -4.00
C ARG B 251 20.24 25.65 -5.37
N LEU B 252 20.10 26.96 -5.37
CA LEU B 252 20.16 27.76 -6.58
C LEU B 252 21.59 28.24 -6.76
N PHE B 253 22.16 27.93 -7.93
CA PHE B 253 23.52 28.30 -8.32
C PHE B 253 23.46 29.33 -9.43
N ASP B 254 24.33 30.33 -9.36
CA ASP B 254 24.60 31.19 -10.50
C ASP B 254 25.61 30.54 -11.42
N LEU B 255 25.31 30.58 -12.73
CA LEU B 255 26.31 30.19 -13.71
C LEU B 255 27.46 31.20 -13.75
N ARG B 256 27.15 32.48 -13.69
CA ARG B 256 28.20 33.48 -13.84
C ARG B 256 28.92 33.82 -12.56
N ALA B 257 28.51 33.25 -11.42
CA ALA B 257 29.21 33.44 -10.16
C ALA B 257 29.90 32.17 -9.68
N ASP B 258 29.66 31.05 -10.37
CA ASP B 258 30.37 29.80 -10.16
C ASP B 258 30.18 29.24 -8.76
N GLN B 259 29.09 29.57 -8.07
CA GLN B 259 28.90 29.09 -6.71
C GLN B 259 27.43 29.13 -6.34
N GLU B 260 27.13 28.58 -5.17
CA GLU B 260 25.75 28.48 -4.71
C GLU B 260 25.20 29.85 -4.37
N LEU B 261 24.05 30.18 -4.96
CA LEU B 261 23.43 31.47 -4.67
C LEU B 261 22.53 31.40 -3.46
N MET B 262 21.75 30.32 -3.31
CA MET B 262 20.87 30.24 -2.15
C MET B 262 20.56 28.78 -1.84
N THR B 263 20.22 28.51 -0.57
CA THR B 263 19.88 27.18 -0.11
C THR B 263 18.46 27.20 0.47
N TYR B 264 17.62 26.29 -0.02
CA TYR B 264 16.26 26.09 0.45
C TYR B 264 16.21 24.81 1.26
N SER B 265 16.00 24.94 2.57
CA SER B 265 15.97 23.78 3.45
C SER B 265 15.19 24.13 4.70
N HIS B 266 14.74 23.09 5.40
CA HIS B 266 14.06 23.26 6.68
C HIS B 266 14.41 22.06 7.54
N ASP B 267 14.42 22.26 8.86
CA ASP B 267 14.84 21.22 9.78
C ASP B 267 13.95 19.98 9.71
N ASN B 268 12.64 20.15 9.61
CA ASN B 268 11.75 19.00 9.51
C ASN B 268 11.86 18.30 8.16
N ILE B 269 12.53 18.91 7.19
CA ILE B 269 12.74 18.29 5.89
C ILE B 269 14.01 17.47 5.97
N ILE B 270 13.87 16.16 6.11
CA ILE B 270 15.02 15.26 6.19
C ILE B 270 14.92 14.23 5.08
N CYS B 271 14.25 14.60 3.99
CA CYS B 271 14.06 13.70 2.86
C CYS B 271 14.61 14.37 1.61
N GLY B 272 15.13 13.56 0.68
CA GLY B 272 15.79 14.14 -0.51
C GLY B 272 14.85 14.70 -1.58
N ILE B 273 15.15 15.88 -2.12
CA ILE B 273 14.36 16.43 -3.25
C ILE B 273 14.58 15.49 -4.43
N THR B 274 13.50 15.10 -5.11
CA THR B 274 13.60 14.12 -6.21
C THR B 274 13.43 14.83 -7.55
N SER B 275 12.90 16.06 -7.52
CA SER B 275 12.58 16.77 -8.77
C SER B 275 12.50 18.26 -8.49
N VAL B 276 13.03 19.09 -9.38
CA VAL B 276 12.86 20.52 -9.21
C VAL B 276 12.45 21.11 -10.54
N SER B 277 11.76 22.25 -10.49
CA SER B 277 11.36 22.98 -11.68
C SER B 277 10.92 24.37 -11.28
N PHE B 278 11.47 25.38 -11.95
CA PHE B 278 11.05 26.75 -11.71
C PHE B 278 9.71 27.02 -12.38
N SER B 279 8.97 27.96 -11.81
CA SER B 279 7.84 28.53 -12.51
C SER B 279 8.34 29.34 -13.70
N LYS B 280 7.42 29.78 -14.56
CA LYS B 280 7.83 30.43 -15.80
C LYS B 280 8.60 31.71 -15.52
N SER B 281 8.23 32.45 -14.48
CA SER B 281 8.98 33.63 -14.09
C SER B 281 10.18 33.31 -13.20
N GLY B 282 10.25 32.10 -12.66
CA GLY B 282 11.32 31.73 -11.76
C GLY B 282 11.16 32.17 -10.33
N ARG B 283 10.06 32.86 -9.99
CA ARG B 283 9.85 33.28 -8.62
C ARG B 283 9.58 32.10 -7.70
N LEU B 284 8.99 31.04 -8.21
CA LEU B 284 8.70 29.84 -7.45
C LEU B 284 9.57 28.70 -7.95
N LEU B 285 10.26 28.04 -7.03
CA LEU B 285 10.99 26.81 -7.32
C LEU B 285 10.18 25.66 -6.73
N LEU B 286 9.56 24.88 -7.59
CA LEU B 286 8.81 23.72 -7.15
C LEU B 286 9.76 22.53 -7.05
N ALA B 287 9.76 21.87 -5.90
CA ALA B 287 10.65 20.74 -5.68
C ALA B 287 9.87 19.56 -5.14
N GLY B 288 10.02 18.43 -5.80
CA GLY B 288 9.35 17.21 -5.34
C GLY B 288 10.21 16.56 -4.31
N TYR B 289 9.62 16.18 -3.18
CA TYR B 289 10.41 15.60 -2.08
C TYR B 289 10.01 14.14 -1.94
N ASP B 290 10.82 13.36 -1.23
CA ASP B 290 10.51 11.94 -0.98
C ASP B 290 9.34 11.82 0.02
N ASP B 291 9.13 12.82 0.89
CA ASP B 291 8.07 12.71 1.89
C ASP B 291 6.70 12.78 1.25
N PHE B 292 6.63 12.48 -0.05
CA PHE B 292 5.41 12.36 -0.84
C PHE B 292 4.82 13.74 -1.12
N ASN B 293 5.47 14.79 -0.63
CA ASN B 293 4.98 16.13 -0.85
C ASN B 293 5.90 16.91 -1.78
N CYS B 294 5.33 17.92 -2.42
CA CYS B 294 6.08 18.89 -3.22
C CYS B 294 6.05 20.22 -2.49
N ASN B 295 7.19 20.90 -2.43
CA ASN B 295 7.25 22.20 -1.79
C ASN B 295 7.54 23.27 -2.83
N VAL B 296 6.71 24.30 -2.84
CA VAL B 296 6.91 25.47 -3.68
C VAL B 296 7.65 26.50 -2.84
N TRP B 297 8.93 26.68 -3.14
CA TRP B 297 9.80 27.60 -2.42
C TRP B 297 9.78 28.95 -3.11
N ASP B 298 9.55 30.01 -2.35
CA ASP B 298 9.74 31.34 -2.90
C ASP B 298 11.22 31.54 -3.13
N ALA B 299 11.65 31.43 -4.39
CA ALA B 299 13.06 31.24 -4.71
C ALA B 299 13.92 32.43 -4.31
N LEU B 300 13.31 33.57 -3.99
CA LEU B 300 14.07 34.76 -3.61
C LEU B 300 14.20 34.92 -2.10
N LYS B 301 13.13 34.72 -1.35
CA LYS B 301 13.21 34.74 0.11
C LYS B 301 13.50 33.35 0.70
N ALA B 302 13.54 32.32 -0.13
CA ALA B 302 13.97 30.98 0.26
C ALA B 302 13.02 30.31 1.26
N ASP B 303 11.94 30.99 1.64
CA ASP B 303 10.96 30.37 2.50
C ASP B 303 10.00 29.52 1.67
N ARG B 304 9.42 28.52 2.32
CA ARG B 304 8.45 27.66 1.64
C ARG B 304 7.16 28.42 1.40
N ALA B 305 6.89 28.73 0.13
CA ALA B 305 5.68 29.47 -0.20
C ALA B 305 4.44 28.61 -0.11
N GLY B 306 4.54 27.33 -0.44
CA GLY B 306 3.36 26.48 -0.40
C GLY B 306 3.74 25.01 -0.43
N VAL B 307 2.73 24.17 -0.24
CA VAL B 307 2.90 22.72 -0.26
C VAL B 307 1.84 22.13 -1.18
N LEU B 308 2.27 21.37 -2.19
CA LEU B 308 1.38 20.65 -3.08
C LEU B 308 1.17 19.21 -2.59
N ALA B 309 0.64 19.11 -1.38
CA ALA B 309 0.32 17.81 -0.83
C ALA B 309 -0.81 17.16 -1.61
N GLY B 310 -0.83 15.83 -1.63
CA GLY B 310 -1.86 15.11 -2.35
C GLY B 310 -1.37 13.84 -3.01
N HIS B 311 -0.05 13.71 -3.17
CA HIS B 311 0.49 12.52 -3.78
C HIS B 311 0.60 11.40 -2.75
N ASP B 312 0.22 10.20 -3.18
CA ASP B 312 0.16 9.04 -2.30
C ASP B 312 1.52 8.39 -2.10
N ASN B 313 2.54 8.81 -2.84
CA ASN B 313 3.87 8.21 -2.75
C ASN B 313 4.89 9.24 -3.18
N ARG B 314 6.14 8.80 -3.35
CA ARG B 314 7.27 9.74 -3.65
C ARG B 314 7.02 10.59 -4.90
N VAL B 315 7.14 11.92 -4.80
CA VAL B 315 7.05 12.75 -6.03
C VAL B 315 8.32 12.41 -6.84
N SER B 316 8.16 11.98 -8.09
CA SER B 316 9.31 11.52 -8.90
C SER B 316 9.64 12.56 -9.96
N CYS B 317 8.71 13.46 -10.27
CA CYS B 317 8.93 14.39 -11.41
C CYS B 317 8.06 15.61 -11.34
N LEU B 318 8.55 16.72 -11.87
CA LEU B 318 7.74 17.92 -12.01
C LEU B 318 7.96 18.52 -13.38
N GLY B 319 6.97 19.30 -13.83
CA GLY B 319 7.12 20.07 -15.04
C GLY B 319 6.23 21.27 -15.06
N VAL B 320 6.79 22.44 -15.32
CA VAL B 320 6.03 23.67 -15.41
C VAL B 320 5.82 23.98 -16.89
N THR B 321 4.59 24.32 -17.25
CA THR B 321 4.27 24.62 -18.64
C THR B 321 5.09 25.80 -19.14
N ASP B 322 5.41 25.77 -20.44
CA ASP B 322 6.21 26.85 -21.02
C ASP B 322 5.50 28.19 -20.92
N ASP B 323 4.17 28.19 -20.92
CA ASP B 323 3.42 29.41 -20.70
C ASP B 323 3.16 29.68 -19.22
N GLY B 324 3.56 28.76 -18.34
CA GLY B 324 3.43 28.95 -16.91
C GLY B 324 2.04 28.77 -16.36
N MET B 325 1.12 28.20 -17.12
CA MET B 325 -0.26 28.10 -16.64
C MET B 325 -0.40 27.03 -15.56
N ALA B 326 0.20 25.86 -15.76
CA ALA B 326 -0.04 24.73 -14.87
C ALA B 326 1.23 23.98 -14.57
N VAL B 327 1.25 23.33 -13.42
CA VAL B 327 2.32 22.41 -13.03
C VAL B 327 1.80 21.00 -13.23
N ALA B 328 2.68 20.07 -13.59
CA ALA B 328 2.34 18.66 -13.61
C ALA B 328 3.34 17.90 -12.76
N THR B 329 2.83 17.22 -11.75
CA THR B 329 3.67 16.48 -10.81
C THR B 329 3.31 15.01 -10.92
N GLY B 330 4.28 14.19 -11.27
CA GLY B 330 4.03 12.75 -11.26
C GLY B 330 4.54 12.18 -9.95
N SER B 331 4.33 10.89 -9.72
CA SER B 331 4.72 10.34 -8.41
C SER B 331 4.74 8.83 -8.48
N TRP B 332 5.30 8.22 -7.46
CA TRP B 332 5.38 6.73 -7.41
C TRP B 332 4.00 6.16 -7.09
N ASP B 333 2.97 7.02 -6.89
CA ASP B 333 1.63 6.51 -6.68
C ASP B 333 0.93 6.16 -7.98
N SER B 334 1.59 6.41 -9.10
CA SER B 334 1.05 6.08 -10.45
C SER B 334 0.11 7.18 -10.91
N PHE B 335 0.25 8.40 -10.39
CA PHE B 335 -0.73 9.45 -10.76
C PHE B 335 -0.03 10.77 -11.02
N LEU B 336 -0.51 11.50 -12.03
CA LEU B 336 0.08 12.80 -12.38
C LEU B 336 -0.96 13.86 -12.09
N LYS B 337 -0.69 14.70 -11.10
CA LYS B 337 -1.61 15.75 -10.70
C LYS B 337 -1.21 17.05 -11.38
N ILE B 338 -2.18 17.73 -11.99
CA ILE B 338 -1.98 19.05 -12.58
C ILE B 338 -2.44 20.07 -11.55
N TRP B 339 -1.65 21.13 -11.40
CA TRP B 339 -1.87 22.12 -10.35
C TRP B 339 -1.92 23.51 -10.93
N ASN B 340 -2.76 24.35 -10.34
CA ASN B 340 -2.86 25.76 -10.71
C ASN B 340 -3.02 26.65 -9.49
N SER C 4 45.04 6.05 -13.96
CA SER C 4 44.88 7.00 -12.86
C SER C 4 45.65 8.29 -13.13
N ILE C 5 46.84 8.18 -13.72
CA ILE C 5 47.61 9.37 -14.06
C ILE C 5 46.85 10.22 -15.07
N ALA C 6 46.27 9.57 -16.09
CA ALA C 6 45.49 10.30 -17.09
C ALA C 6 44.26 10.94 -16.48
N GLN C 7 43.58 10.23 -15.58
CA GLN C 7 42.40 10.80 -14.91
C GLN C 7 42.79 12.01 -14.07
N ALA C 8 43.89 11.91 -13.34
CA ALA C 8 44.35 13.06 -12.55
C ALA C 8 44.74 14.22 -13.46
N ARG C 9 45.35 13.92 -14.60
CA ARG C 9 45.70 14.97 -15.56
C ARG C 9 44.44 15.68 -16.07
N LYS C 10 43.42 14.90 -16.41
CA LYS C 10 42.17 15.50 -16.88
C LYS C 10 41.52 16.34 -15.79
N LEU C 11 41.53 15.85 -14.56
CA LEU C 11 40.97 16.63 -13.45
C LEU C 11 41.74 17.93 -13.24
N VAL C 12 43.06 17.88 -13.34
CA VAL C 12 43.87 19.08 -13.17
C VAL C 12 43.59 20.07 -14.29
N GLU C 13 43.47 19.58 -15.53
CA GLU C 13 43.16 20.47 -16.64
C GLU C 13 41.79 21.11 -16.46
N GLN C 14 40.80 20.33 -16.01
CA GLN C 14 39.47 20.88 -15.79
C GLN C 14 39.48 21.92 -14.68
N LEU C 15 40.24 21.67 -13.61
CA LEU C 15 40.34 22.64 -12.53
C LEU C 15 41.03 23.92 -12.98
N LYS C 16 42.07 23.80 -13.80
CA LYS C 16 42.71 24.99 -14.36
C LYS C 16 41.75 25.78 -15.24
N MET C 17 40.98 25.07 -16.06
CA MET C 17 40.00 25.74 -16.92
C MET C 17 38.97 26.48 -16.08
N GLU C 18 38.48 25.84 -15.01
CA GLU C 18 37.51 26.48 -14.14
C GLU C 18 38.12 27.65 -13.38
N ALA C 19 39.41 27.58 -13.07
CA ALA C 19 40.08 28.69 -12.39
C ALA C 19 40.29 29.85 -13.35
N ASN C 20 40.38 29.58 -14.65
CA ASN C 20 40.62 30.64 -15.63
C ASN C 20 39.37 31.39 -16.04
N ILE C 21 38.18 30.95 -15.59
CA ILE C 21 36.96 31.64 -15.99
C ILE C 21 36.79 32.93 -15.20
N ASP C 22 36.06 33.87 -15.78
CA ASP C 22 35.73 35.11 -15.09
C ASP C 22 34.49 34.91 -14.22
N ARG C 23 34.47 35.59 -13.07
CA ARG C 23 33.37 35.52 -12.14
C ARG C 23 32.92 36.92 -11.77
N ILE C 24 31.62 37.18 -11.91
CA ILE C 24 31.08 38.48 -11.52
C ILE C 24 30.68 38.46 -10.05
N LYS C 25 30.48 39.65 -9.50
CA LYS C 25 30.06 39.77 -8.11
C LYS C 25 28.68 39.16 -7.93
N VAL C 26 28.49 38.41 -6.85
CA VAL C 26 27.22 37.72 -6.60
C VAL C 26 26.09 38.71 -6.40
N SER C 27 26.40 39.93 -5.94
CA SER C 27 25.35 40.95 -5.86
C SER C 27 24.77 41.25 -7.25
N LYS C 28 25.62 41.23 -8.28
CA LYS C 28 25.13 41.36 -9.64
C LYS C 28 24.23 40.20 -10.02
N ALA C 29 24.55 38.99 -9.55
CA ALA C 29 23.70 37.83 -9.79
C ALA C 29 22.32 38.02 -9.17
N ALA C 30 22.30 38.44 -7.90
CA ALA C 30 21.02 38.67 -7.23
C ALA C 30 20.23 39.76 -7.94
N ALA C 31 20.92 40.83 -8.37
CA ALA C 31 20.25 41.89 -9.09
C ALA C 31 19.63 41.38 -10.38
N ASP C 32 20.38 40.58 -11.14
CA ASP C 32 19.87 40.05 -12.40
C ASP C 32 18.66 39.14 -12.16
N LEU C 33 18.74 38.25 -11.18
CA LEU C 33 17.63 37.34 -10.93
C LEU C 33 16.39 38.09 -10.42
N MET C 34 16.56 39.07 -9.53
CA MET C 34 15.40 39.79 -9.05
C MET C 34 14.81 40.65 -10.15
N ALA C 35 15.65 41.19 -11.03
CA ALA C 35 15.14 41.94 -12.17
C ALA C 35 14.33 41.05 -13.09
N TYR C 36 14.82 39.83 -13.36
CA TYR C 36 14.07 38.91 -14.20
C TYR C 36 12.74 38.56 -13.57
N CYS C 37 12.73 38.26 -12.26
CA CYS C 37 11.49 37.90 -11.59
C CYS C 37 10.50 39.05 -11.58
N GLU C 38 10.97 40.26 -11.28
CA GLU C 38 10.10 41.43 -11.26
C GLU C 38 9.58 41.76 -12.64
N ALA C 39 10.34 41.48 -13.69
CA ALA C 39 9.88 41.74 -15.05
C ALA C 39 8.88 40.70 -15.54
N HIS C 40 9.05 39.44 -15.13
CA HIS C 40 8.23 38.36 -15.66
C HIS C 40 7.18 37.85 -14.68
N ALA C 41 6.99 38.51 -13.53
CA ALA C 41 5.99 38.05 -12.57
C ALA C 41 4.58 38.08 -13.16
N LYS C 42 4.24 39.15 -13.87
CA LYS C 42 2.86 39.30 -14.33
C LYS C 42 2.47 38.29 -15.39
N GLU C 43 3.43 37.74 -16.12
CA GLU C 43 3.15 36.68 -17.09
C GLU C 43 3.31 35.30 -16.51
N ASP C 44 3.32 35.18 -15.18
CA ASP C 44 3.42 33.89 -14.48
C ASP C 44 2.12 33.67 -13.73
N PRO C 45 1.16 32.96 -14.32
CA PRO C 45 -0.09 32.65 -13.59
C PRO C 45 0.13 31.81 -12.36
N LEU C 46 1.26 31.09 -12.30
CA LEU C 46 1.55 30.27 -11.13
C LEU C 46 1.66 31.11 -9.88
N LEU C 47 2.38 32.23 -9.96
CA LEU C 47 2.50 33.13 -8.81
C LEU C 47 1.20 33.90 -8.59
N THR C 48 0.59 34.41 -9.65
CA THR C 48 -0.64 35.21 -9.56
C THR C 48 -1.66 34.58 -10.50
N PRO C 49 -2.61 33.82 -9.96
CA PRO C 49 -3.55 33.09 -10.83
C PRO C 49 -4.38 34.04 -11.68
N VAL C 50 -4.40 33.76 -12.98
CA VAL C 50 -5.21 34.52 -13.94
C VAL C 50 -6.67 34.11 -13.75
N PRO C 51 -7.63 34.91 -14.20
CA PRO C 51 -9.03 34.49 -14.10
C PRO C 51 -9.32 33.24 -14.91
N ALA C 52 -10.40 32.55 -14.53
CA ALA C 52 -10.73 31.27 -15.14
C ALA C 52 -10.93 31.37 -16.64
N SER C 53 -11.32 32.55 -17.14
CA SER C 53 -11.42 32.74 -18.58
C SER C 53 -10.05 32.58 -19.25
N GLU C 54 -9.02 33.17 -18.66
CA GLU C 54 -7.66 33.02 -19.16
C GLU C 54 -7.04 31.68 -18.83
N ASN C 55 -7.36 31.12 -17.67
CA ASN C 55 -6.78 29.85 -17.26
C ASN C 55 -7.45 28.70 -17.99
N PRO C 56 -6.72 27.88 -18.75
CA PRO C 56 -7.36 26.78 -19.48
C PRO C 56 -7.84 25.65 -18.58
N PHE C 57 -7.47 25.65 -17.31
CA PHE C 57 -7.86 24.60 -16.37
C PHE C 57 -9.02 25.02 -15.48
N ARG C 58 -9.95 25.80 -16.00
CA ARG C 58 -11.14 26.21 -15.26
C ARG C 58 -11.99 25.01 -14.86
N GLN D 1 32.22 21.53 -1.00
CA GLN D 1 32.65 20.26 -1.61
C GLN D 1 32.94 19.22 -0.54
N VAL D 2 32.39 18.02 -0.72
CA VAL D 2 32.58 16.96 0.26
C VAL D 2 34.03 16.49 0.20
N GLN D 3 34.76 16.69 1.29
CA GLN D 3 36.16 16.29 1.37
C GLN D 3 36.39 15.47 2.63
N LEU D 4 37.13 14.37 2.47
CA LEU D 4 37.51 13.49 3.57
C LEU D 4 39.01 13.25 3.48
N GLN D 5 39.75 13.69 4.48
CA GLN D 5 41.21 13.66 4.46
C GLN D 5 41.69 12.71 5.55
N GLU D 6 42.28 11.59 5.16
CA GLU D 6 42.84 10.65 6.12
C GLU D 6 44.29 11.03 6.43
N SER D 7 44.68 10.78 7.68
CA SER D 7 46.01 11.10 8.15
C SER D 7 46.35 10.18 9.31
N GLY D 8 47.64 10.16 9.66
CA GLY D 8 48.12 9.33 10.74
C GLY D 8 48.59 7.95 10.33
N GLY D 9 48.34 7.52 9.09
CA GLY D 9 48.84 6.25 8.64
C GLY D 9 50.33 6.29 8.36
N GLY D 10 50.99 5.16 8.55
CA GLY D 10 52.41 5.10 8.32
C GLY D 10 52.95 3.72 8.65
N LEU D 11 54.28 3.62 8.61
CA LEU D 11 54.94 2.35 8.92
C LEU D 11 54.74 1.97 10.38
N VAL D 12 54.27 0.75 10.61
CA VAL D 12 54.08 0.22 11.95
C VAL D 12 54.58 -1.22 11.97
N GLN D 13 55.35 -1.55 12.99
CA GLN D 13 55.82 -2.92 13.15
C GLN D 13 54.63 -3.85 13.43
N PRO D 14 54.70 -5.11 13.01
CA PRO D 14 53.58 -6.03 13.25
C PRO D 14 53.27 -6.15 14.74
N GLY D 15 51.98 -6.22 15.05
CA GLY D 15 51.53 -6.23 16.42
C GLY D 15 51.55 -4.88 17.11
N GLY D 16 51.83 -3.80 16.39
CA GLY D 16 51.92 -2.49 16.99
C GLY D 16 50.56 -1.82 17.10
N SER D 17 50.60 -0.49 17.18
CA SER D 17 49.38 0.31 17.32
C SER D 17 49.53 1.56 16.47
N LEU D 18 48.38 2.15 16.11
CA LEU D 18 48.36 3.31 15.24
C LEU D 18 46.99 3.95 15.38
N ARG D 19 46.84 5.16 14.83
CA ARG D 19 45.56 5.87 14.91
C ARG D 19 45.32 6.62 13.61
N LEU D 20 44.32 6.17 12.85
CA LEU D 20 43.93 6.85 11.63
C LEU D 20 42.88 7.91 11.94
N SER D 21 43.11 9.13 11.47
CA SER D 21 42.20 10.25 11.72
C SER D 21 41.69 10.77 10.39
N CYS D 22 40.36 10.88 10.28
CA CYS D 22 39.67 11.36 9.09
C CYS D 22 39.08 12.72 9.40
N ALA D 23 39.60 13.76 8.75
CA ALA D 23 39.05 15.09 8.85
C ALA D 23 38.00 15.26 7.77
N ALA D 24 36.76 15.54 8.18
CA ALA D 24 35.66 15.72 7.25
C ALA D 24 35.36 17.20 7.06
N SER D 25 34.99 17.56 5.84
CA SER D 25 34.63 18.94 5.54
C SER D 25 33.64 18.95 4.39
N GLY D 26 32.88 20.05 4.31
CA GLY D 26 31.91 20.21 3.25
C GLY D 26 30.56 19.59 3.51
N PHE D 27 30.33 19.02 4.70
CA PHE D 27 29.04 18.45 5.03
C PHE D 27 28.89 18.41 6.54
N THR D 28 27.63 18.29 6.99
CA THR D 28 27.31 18.16 8.40
C THR D 28 27.66 16.75 8.84
N PHE D 29 28.80 16.64 9.53
CA PHE D 29 29.37 15.32 9.85
C PHE D 29 28.43 14.50 10.71
N SER D 30 27.69 15.15 11.61
CA SER D 30 26.80 14.43 12.52
C SER D 30 25.68 13.68 11.81
N ASN D 31 25.21 14.20 10.68
CA ASN D 31 24.06 13.62 10.01
C ASN D 31 24.38 12.34 9.25
N TYR D 32 25.65 12.03 9.05
CA TYR D 32 26.06 10.95 8.15
C TYR D 32 26.71 9.82 8.92
N LYS D 33 26.23 8.61 8.69
CA LYS D 33 26.95 7.42 9.11
C LYS D 33 28.29 7.37 8.40
N MET D 34 29.33 6.91 9.10
CA MET D 34 30.67 6.94 8.55
C MET D 34 31.27 5.54 8.53
N ASN D 35 32.26 5.35 7.67
CA ASN D 35 32.84 4.04 7.44
C ASN D 35 34.35 4.16 7.26
N TRP D 36 35.05 3.10 7.62
CA TRP D 36 36.41 2.86 7.20
C TRP D 36 36.44 1.66 6.28
N VAL D 37 37.03 1.83 5.10
CA VAL D 37 37.24 0.74 4.16
C VAL D 37 38.72 0.70 3.82
N ARG D 38 39.18 -0.43 3.30
CA ARG D 38 40.58 -0.57 2.96
C ARG D 38 40.75 -1.22 1.61
N GLN D 39 41.75 -0.74 0.87
CA GLN D 39 42.20 -1.35 -0.38
C GLN D 39 43.52 -2.05 -0.08
N ALA D 40 43.49 -3.37 -0.01
CA ALA D 40 44.70 -4.14 0.13
C ALA D 40 45.41 -4.26 -1.22
N PRO D 41 46.72 -4.39 -1.22
CA PRO D 41 47.44 -4.52 -2.50
C PRO D 41 46.99 -5.75 -3.28
N GLY D 42 46.51 -5.51 -4.50
CA GLY D 42 46.05 -6.59 -5.35
C GLY D 42 44.67 -7.11 -5.03
N LYS D 43 43.90 -6.42 -4.20
CA LYS D 43 42.58 -6.87 -3.80
C LYS D 43 41.60 -5.70 -3.87
N GLY D 44 40.32 -6.03 -3.96
CA GLY D 44 39.28 -5.02 -4.01
C GLY D 44 39.11 -4.31 -2.68
N LEU D 45 38.29 -3.25 -2.70
CA LEU D 45 38.10 -2.42 -1.52
C LEU D 45 37.27 -3.19 -0.49
N GLU D 46 37.96 -3.77 0.50
CA GLU D 46 37.27 -4.43 1.60
C GLU D 46 36.76 -3.38 2.58
N TRP D 47 35.57 -3.61 3.14
CA TRP D 47 35.03 -2.73 4.16
C TRP D 47 35.50 -3.16 5.55
N VAL D 48 35.95 -2.20 6.33
CA VAL D 48 36.56 -2.46 7.63
C VAL D 48 35.57 -2.25 8.77
N SER D 49 35.02 -1.05 8.90
CA SER D 49 34.17 -0.76 10.04
C SER D 49 33.20 0.36 9.69
N ASP D 50 32.17 0.51 10.51
CA ASP D 50 31.23 1.61 10.36
C ASP D 50 30.74 2.05 11.73
N ILE D 51 30.35 3.32 11.80
CA ILE D 51 29.81 3.91 13.01
C ILE D 51 28.64 4.81 12.62
N SER D 52 27.61 4.80 13.45
CA SER D 52 26.36 5.50 13.12
C SER D 52 26.55 7.02 13.24
N GLN D 53 25.44 7.73 13.08
CA GLN D 53 25.47 9.19 13.11
C GLN D 53 25.95 9.72 14.44
N SER D 54 25.36 9.26 15.54
CA SER D 54 25.72 9.73 16.86
C SER D 54 26.86 8.94 17.49
N GLY D 55 27.28 7.84 16.87
CA GLY D 55 28.27 6.96 17.45
C GLY D 55 27.71 5.87 18.33
N ALA D 56 26.38 5.84 18.54
CA ALA D 56 25.78 4.82 19.39
C ALA D 56 25.87 3.42 18.79
N SER D 57 25.86 3.31 17.46
CA SER D 57 25.92 2.03 16.79
C SER D 57 27.27 1.89 16.11
N ILE D 58 27.92 0.75 16.33
CA ILE D 58 29.26 0.48 15.83
C ILE D 58 29.30 -0.95 15.32
N SER D 59 29.92 -1.13 14.16
CA SER D 59 30.15 -2.49 13.67
C SER D 59 31.53 -2.55 13.01
N TYR D 60 32.10 -3.75 13.02
CA TYR D 60 33.41 -3.98 12.44
C TYR D 60 33.34 -5.17 11.49
N THR D 61 34.24 -5.19 10.52
CA THR D 61 34.48 -6.42 9.79
C THR D 61 35.12 -7.42 10.75
N GLY D 62 34.93 -8.71 10.46
CA GLY D 62 35.38 -9.72 11.40
C GLY D 62 36.87 -9.65 11.70
N SER D 63 37.68 -9.42 10.68
CA SER D 63 39.12 -9.46 10.84
C SER D 63 39.65 -8.40 11.79
N VAL D 64 38.85 -7.37 12.11
CA VAL D 64 39.27 -6.32 13.03
C VAL D 64 38.41 -6.26 14.28
N LYS D 65 37.57 -7.26 14.54
CA LYS D 65 36.75 -7.26 15.74
C LYS D 65 37.64 -7.28 16.98
N GLY D 66 37.44 -6.31 17.86
CA GLY D 66 38.21 -6.22 19.09
C GLY D 66 39.59 -5.63 18.88
N ARG D 67 40.18 -5.87 17.71
CA ARG D 67 41.50 -5.31 17.42
C ARG D 67 41.43 -3.80 17.27
N PHE D 68 40.50 -3.31 16.45
CA PHE D 68 40.38 -1.90 16.16
C PHE D 68 39.12 -1.34 16.82
N THR D 69 39.19 -0.06 17.19
CA THR D 69 38.05 0.65 17.73
C THR D 69 37.76 1.84 16.83
N ILE D 70 36.56 1.86 16.26
CA ILE D 70 36.12 3.02 15.48
C ILE D 70 35.42 3.99 16.42
N SER D 71 35.56 5.29 16.13
CA SER D 71 34.90 6.31 16.93
C SER D 71 34.72 7.54 16.06
N ARG D 72 33.86 8.45 16.51
CA ARG D 72 33.64 9.69 15.80
C ARG D 72 33.52 10.83 16.80
N ASP D 73 34.16 11.94 16.46
CA ASP D 73 34.08 13.17 17.24
C ASP D 73 33.27 14.15 16.40
N ASN D 74 31.97 14.24 16.71
CA ASN D 74 31.08 15.11 15.96
C ASN D 74 31.43 16.58 16.20
N ALA D 75 31.90 16.90 17.41
CA ALA D 75 32.31 18.27 17.71
C ALA D 75 33.45 18.74 16.82
N LYS D 76 34.43 17.88 16.55
CA LYS D 76 35.55 18.21 15.69
C LYS D 76 35.32 17.79 14.24
N ASN D 77 34.13 17.24 13.93
CA ASN D 77 33.80 16.79 12.58
C ASN D 77 34.86 15.82 12.06
N THR D 78 35.14 14.78 12.85
CA THR D 78 36.22 13.88 12.49
C THR D 78 35.89 12.46 12.90
N LEU D 79 36.61 11.53 12.29
CA LEU D 79 36.44 10.10 12.52
C LEU D 79 37.78 9.50 12.92
N TYR D 80 37.78 8.51 13.79
CA TYR D 80 39.00 7.87 14.23
C TYR D 80 38.89 6.36 14.13
N LEU D 81 40.02 5.74 13.78
CA LEU D 81 40.19 4.29 13.84
C LEU D 81 41.45 4.04 14.67
N GLN D 82 41.26 3.65 15.92
CA GLN D 82 42.39 3.22 16.75
C GLN D 82 42.71 1.76 16.42
N MET D 83 43.90 1.54 15.88
CA MET D 83 44.30 0.25 15.34
C MET D 83 45.30 -0.40 16.28
N ASN D 84 45.03 -1.65 16.66
CA ASN D 84 45.85 -2.37 17.60
C ASN D 84 46.06 -3.79 17.12
N SER D 85 47.15 -4.40 17.58
CA SER D 85 47.49 -5.79 17.23
C SER D 85 47.54 -5.97 15.72
N LEU D 86 48.25 -5.07 15.05
CA LEU D 86 48.26 -5.05 13.60
C LEU D 86 49.08 -6.21 13.04
N LYS D 87 48.42 -7.07 12.28
CA LYS D 87 49.10 -8.11 11.53
C LYS D 87 49.50 -7.59 10.15
N PRO D 88 50.49 -8.22 9.51
CA PRO D 88 50.96 -7.71 8.21
C PRO D 88 49.88 -7.60 7.15
N GLU D 89 48.86 -8.44 7.19
CA GLU D 89 47.77 -8.37 6.22
C GLU D 89 46.91 -7.13 6.39
N ASP D 90 47.16 -6.31 7.41
CA ASP D 90 46.47 -5.04 7.58
C ASP D 90 47.11 -3.93 6.76
N THR D 91 48.23 -4.18 6.10
CA THR D 91 48.85 -3.19 5.23
C THR D 91 47.93 -2.89 4.06
N ALA D 92 47.41 -1.67 4.01
CA ALA D 92 46.46 -1.31 2.97
C ALA D 92 46.32 0.20 2.93
N VAL D 93 45.65 0.69 1.89
CA VAL D 93 45.25 2.08 1.86
C VAL D 93 43.88 2.21 2.49
N TYR D 94 43.79 2.98 3.56
CA TYR D 94 42.56 3.11 4.32
C TYR D 94 41.82 4.36 3.86
N TYR D 95 40.60 4.17 3.34
CA TYR D 95 39.73 5.25 2.92
C TYR D 95 38.65 5.47 3.97
N CYS D 96 38.47 6.73 4.35
CA CYS D 96 37.37 7.16 5.19
C CYS D 96 36.18 7.46 4.31
N ALA D 97 35.17 6.59 4.32
CA ALA D 97 34.07 6.65 3.36
C ALA D 97 32.80 7.12 4.06
N ARG D 98 32.23 8.21 3.55
CA ARG D 98 30.95 8.68 4.07
C ARG D 98 29.81 7.95 3.37
N CYS D 99 28.74 7.69 4.12
CA CYS D 99 27.55 7.15 3.50
C CYS D 99 26.88 8.22 2.65
N PRO D 100 26.24 7.82 1.54
CA PRO D 100 25.72 8.81 0.59
C PRO D 100 24.66 9.73 1.17
N ALA D 101 23.60 9.15 1.74
CA ALA D 101 22.53 10.04 2.17
C ALA D 101 22.55 10.23 3.68
N PRO D 102 22.18 11.42 4.16
CA PRO D 102 22.09 11.63 5.61
C PRO D 102 20.82 11.02 6.18
N PHE D 103 20.84 10.78 7.49
CA PHE D 103 19.69 10.32 8.25
C PHE D 103 19.24 8.93 7.83
N THR D 104 19.96 8.30 6.90
CA THR D 104 19.57 7.00 6.40
C THR D 104 20.47 5.92 6.97
N ARG D 105 19.86 4.80 7.38
CA ARG D 105 20.62 3.71 7.97
C ARG D 105 21.41 2.93 6.93
N ASP D 106 20.96 2.93 5.68
CA ASP D 106 21.71 2.27 4.61
C ASP D 106 22.95 3.07 4.24
N CYS D 107 23.97 2.36 3.77
CA CYS D 107 25.26 2.96 3.43
C CYS D 107 25.75 2.42 2.09
N PHE D 108 24.88 2.49 1.08
CA PHE D 108 25.18 1.98 -0.25
C PHE D 108 26.50 2.53 -0.80
N ASP D 109 27.23 1.64 -1.48
CA ASP D 109 28.24 1.95 -2.49
C ASP D 109 29.58 2.44 -1.95
N VAL D 110 29.82 2.39 -0.64
CA VAL D 110 31.08 2.91 -0.12
C VAL D 110 32.26 2.07 -0.62
N THR D 111 32.04 0.80 -0.90
CA THR D 111 33.09 -0.08 -1.40
C THR D 111 33.21 -0.08 -2.91
N SER D 112 32.46 0.77 -3.61
CA SER D 112 32.51 0.79 -5.06
C SER D 112 33.84 1.37 -5.53
N THR D 113 34.18 1.08 -6.78
CA THR D 113 35.49 1.42 -7.32
C THR D 113 35.72 2.94 -7.31
N THR D 114 34.71 3.70 -7.72
CA THR D 114 34.83 5.15 -7.85
C THR D 114 33.79 5.90 -7.03
N TYR D 115 33.51 5.44 -5.82
CA TYR D 115 32.56 6.13 -4.95
C TYR D 115 33.03 7.55 -4.68
N ALA D 116 32.07 8.48 -4.65
CA ALA D 116 32.42 9.90 -4.64
C ALA D 116 32.76 10.40 -3.24
N TYR D 117 31.93 10.10 -2.25
CA TYR D 117 32.11 10.64 -0.90
C TYR D 117 33.08 9.79 -0.09
N ARG D 118 34.27 9.59 -0.65
CA ARG D 118 35.29 8.75 -0.05
C ARG D 118 36.60 9.51 -0.05
N GLY D 119 37.39 9.32 0.99
CA GLY D 119 38.65 10.03 1.12
C GLY D 119 39.71 9.50 0.16
N GLN D 120 40.81 10.26 0.09
CA GLN D 120 41.93 9.87 -0.77
C GLN D 120 42.65 8.64 -0.25
N GLY D 121 42.54 8.33 1.03
CA GLY D 121 43.18 7.15 1.59
C GLY D 121 44.55 7.47 2.17
N THR D 122 44.86 6.78 3.28
CA THR D 122 46.16 6.90 3.93
C THR D 122 46.78 5.51 3.98
N GLN D 123 48.08 5.43 3.67
CA GLN D 123 48.73 4.14 3.61
C GLN D 123 49.09 3.66 5.01
N VAL D 124 48.86 2.38 5.27
CA VAL D 124 49.29 1.74 6.50
C VAL D 124 50.08 0.50 6.13
N THR D 125 51.39 0.53 6.37
CA THR D 125 52.29 -0.55 6.01
C THR D 125 52.73 -1.26 7.29
N VAL D 126 52.52 -2.57 7.34
CA VAL D 126 52.80 -3.33 8.55
C VAL D 126 53.77 -4.48 8.22
N ALA E 1 -31.02 -22.59 13.56
CA ALA E 1 -31.67 -21.87 12.46
C ALA E 1 -31.19 -20.43 12.42
N VAL E 2 -31.54 -19.72 11.34
CA VAL E 2 -31.19 -18.31 11.20
C VAL E 2 -31.95 -17.56 12.28
N ALA E 3 -31.21 -16.80 13.09
CA ALA E 3 -31.78 -16.25 14.31
C ALA E 3 -32.92 -15.26 14.02
N GLU E 4 -32.71 -14.35 13.07
CA GLU E 4 -33.73 -13.34 12.83
C GLU E 4 -34.97 -13.91 12.16
N ILE E 5 -34.79 -14.80 11.19
CA ILE E 5 -35.93 -15.45 10.54
C ILE E 5 -36.71 -16.29 11.55
N GLN E 6 -36.02 -16.98 12.47
CA GLN E 6 -36.77 -17.73 13.51
C GLN E 6 -37.54 -16.75 14.41
N LEU E 7 -36.91 -15.69 14.89
CA LEU E 7 -37.60 -14.78 15.84
C LEU E 7 -38.83 -14.18 15.16
N MET E 8 -38.83 -14.07 13.82
CA MET E 8 -39.99 -13.53 13.08
C MET E 8 -41.06 -14.62 13.01
N HIS E 9 -40.64 -15.83 12.69
CA HIS E 9 -41.58 -16.97 12.61
C HIS E 9 -42.15 -17.27 13.99
N GLN E 10 -41.44 -16.87 15.05
CA GLN E 10 -41.88 -17.13 16.45
C GLN E 10 -42.73 -15.96 16.95
N ARG E 11 -42.39 -14.73 16.57
CA ARG E 11 -43.23 -13.56 16.95
C ARG E 11 -44.56 -13.61 16.20
N ALA E 12 -44.63 -14.38 15.11
CA ALA E 12 -45.86 -14.51 14.32
C ALA E 12 -46.64 -15.76 14.73
N LYS E 13 -45.96 -16.88 14.97
CA LYS E 13 -46.66 -18.08 15.47
C LYS E 13 -47.24 -17.73 16.83
N TRP E 14 -46.71 -16.68 17.44
CA TRP E 14 -47.16 -16.30 18.80
C TRP E 14 -48.26 -15.25 18.66
N ILE E 15 -47.90 -14.03 18.27
CA ILE E 15 -48.93 -12.99 18.26
C ILE E 15 -50.26 -13.59 17.84
N GLN E 16 -50.23 -14.53 16.90
CA GLN E 16 -51.49 -15.21 16.51
C GLN E 16 -52.06 -15.94 17.73
N ASP E 17 -51.27 -16.78 18.39
CA ASP E 17 -51.75 -17.56 19.52
C ASP E 17 -52.22 -16.65 20.66
N ALA E 18 -51.48 -15.59 20.94
CA ALA E 18 -51.87 -14.67 21.99
C ALA E 18 -53.14 -13.92 21.63
N ARG E 19 -53.37 -13.67 20.35
CA ARG E 19 -54.58 -12.95 19.94
C ARG E 19 -55.80 -13.86 20.04
N ARG E 20 -55.64 -15.13 19.64
CA ARG E 20 -56.75 -16.10 19.81
C ARG E 20 -57.01 -16.35 21.30
N ARG E 21 -55.95 -16.32 22.12
CA ARG E 21 -56.14 -16.48 23.56
C ARG E 21 -56.78 -15.23 24.17
N ALA E 22 -56.51 -14.05 23.61
CA ALA E 22 -57.21 -12.85 24.04
C ALA E 22 -58.69 -12.92 23.71
N PHE E 23 -59.01 -13.46 22.52
CA PHE E 23 -60.41 -13.71 22.18
C PHE E 23 -61.05 -14.69 23.18
N LEU E 24 -60.32 -15.74 23.54
CA LEU E 24 -60.82 -16.71 24.51
C LEU E 24 -61.04 -16.07 25.88
N HIS E 25 -60.10 -15.21 26.31
CA HIS E 25 -60.26 -14.48 27.55
C HIS E 25 -61.48 -13.57 27.50
N LYS E 26 -61.72 -12.93 26.35
CA LYS E 26 -62.91 -12.11 26.19
C LYS E 26 -64.17 -12.95 26.33
N LEU E 27 -64.17 -14.14 25.73
CA LEU E 27 -65.32 -15.03 25.85
C LEU E 27 -65.56 -15.41 27.31
N ILE E 28 -64.51 -15.79 28.02
CA ILE E 28 -64.67 -16.18 29.42
C ILE E 28 -65.16 -15.01 30.26
N ALA E 29 -64.58 -13.83 30.04
CA ALA E 29 -64.97 -12.66 30.83
C ALA E 29 -66.43 -12.29 30.57
N GLU E 30 -66.88 -12.39 29.33
CA GLU E 30 -68.27 -12.07 29.02
C GLU E 30 -69.22 -13.14 29.57
N ILE E 31 -68.79 -14.40 29.57
CA ILE E 31 -69.67 -15.47 30.03
C ILE E 31 -69.43 -15.89 31.47
N HIS E 32 -68.18 -16.08 31.88
CA HIS E 32 -67.87 -16.53 33.22
C HIS E 32 -67.27 -15.39 34.04
N VAL F 35 -50.09 -23.04 13.34
CA VAL F 35 -50.82 -22.34 14.44
C VAL F 35 -52.33 -22.47 14.18
N MET F 36 -53.10 -22.89 15.19
CA MET F 36 -54.59 -22.92 15.05
C MET F 36 -55.10 -21.50 15.29
N THR F 37 -55.14 -20.67 14.25
CA THR F 37 -55.50 -19.24 14.42
C THR F 37 -56.93 -19.09 14.96
N LYS F 38 -57.25 -17.92 15.53
CA LYS F 38 -58.59 -17.68 16.11
C LYS F 38 -59.66 -17.83 15.03
N GLU F 39 -59.38 -17.33 13.82
CA GLU F 39 -60.36 -17.44 12.70
C GLU F 39 -60.71 -18.91 12.50
N GLU F 40 -59.71 -19.79 12.48
CA GLU F 40 -59.97 -21.25 12.35
C GLU F 40 -60.73 -21.72 13.59
N GLN F 41 -60.30 -21.26 14.78
CA GLN F 41 -61.03 -21.62 16.03
C GLN F 41 -62.50 -21.21 15.86
N ILE F 42 -62.76 -20.00 15.34
CA ILE F 42 -64.14 -19.60 15.09
C ILE F 42 -64.89 -20.68 14.33
N PHE F 43 -64.24 -21.29 13.34
CA PHE F 43 -64.87 -22.37 12.58
C PHE F 43 -65.19 -23.56 13.48
N LEU F 44 -64.25 -23.93 14.35
CA LEU F 44 -64.49 -25.02 15.28
C LEU F 44 -65.60 -24.67 16.27
N LEU F 45 -65.63 -23.42 16.73
CA LEU F 45 -66.68 -22.98 17.64
C LEU F 45 -68.05 -23.06 16.98
N HIS F 46 -68.15 -22.63 15.72
CA HIS F 46 -69.41 -22.73 15.00
C HIS F 46 -69.79 -24.19 14.76
N ARG F 47 -68.81 -25.05 14.48
CA ARG F 47 -69.10 -26.47 14.31
C ARG F 47 -69.65 -27.07 15.60
N ALA F 48 -69.02 -26.74 16.73
CA ALA F 48 -69.50 -27.24 18.02
C ALA F 48 -70.88 -26.69 18.35
N GLN F 49 -71.12 -25.42 18.03
CA GLN F 49 -72.43 -24.81 18.27
C GLN F 49 -73.50 -25.49 17.42
N ALA F 50 -73.17 -25.80 16.16
CA ALA F 50 -74.11 -26.51 15.30
C ALA F 50 -74.39 -27.91 15.82
N GLN F 51 -73.35 -28.60 16.30
CA GLN F 51 -73.56 -29.93 16.88
C GLN F 51 -74.45 -29.85 18.12
N CYS F 52 -74.21 -28.85 18.98
CA CYS F 52 -75.02 -28.69 20.17
C CYS F 52 -76.46 -28.35 19.81
N GLU F 53 -76.66 -27.52 18.79
CA GLU F 53 -78.01 -27.19 18.34
C GLU F 53 -78.72 -28.43 17.79
N LYS F 54 -78.00 -29.27 17.05
CA LYS F 54 -78.57 -30.52 16.58
C LYS F 54 -78.96 -31.42 17.75
N ARG F 55 -78.12 -31.46 18.79
CA ARG F 55 -78.44 -32.24 19.97
C ARG F 55 -79.69 -31.70 20.67
N LEU F 56 -79.81 -30.36 20.76
CA LEU F 56 -81.00 -29.76 21.36
C LEU F 56 -82.25 -30.09 20.56
N LYS F 57 -82.15 -30.02 19.23
CA LYS F 57 -83.28 -30.37 18.39
C LYS F 57 -83.66 -31.84 18.54
N GLU F 58 -82.65 -32.71 18.70
CA GLU F 58 -82.93 -34.12 18.96
C GLU F 58 -83.66 -34.30 20.29
N GLY F 109 -87.03 -31.68 40.98
CA GLY F 109 -87.38 -32.97 40.41
C GLY F 109 -87.41 -32.96 38.90
N ARG F 110 -87.44 -31.77 38.31
CA ARG F 110 -87.48 -31.61 36.87
C ARG F 110 -86.10 -31.26 36.36
N PRO F 111 -85.53 -32.07 35.46
CA PRO F 111 -84.18 -31.78 34.97
C PRO F 111 -84.14 -30.54 34.09
N CYS F 112 -82.98 -29.87 34.09
CA CYS F 112 -82.78 -28.72 33.22
C CYS F 112 -82.65 -29.17 31.77
N LEU F 113 -83.26 -28.42 30.87
CA LEU F 113 -83.12 -28.70 29.45
C LEU F 113 -81.70 -28.38 28.99
N PRO F 114 -81.16 -29.15 28.04
CA PRO F 114 -79.81 -28.87 27.55
C PRO F 114 -79.73 -27.53 26.85
N GLU F 115 -78.56 -26.89 26.94
CA GLU F 115 -78.39 -25.55 26.44
C GLU F 115 -76.97 -25.37 25.90
N TRP F 116 -76.78 -24.28 25.16
CA TRP F 116 -75.49 -23.90 24.61
C TRP F 116 -75.11 -22.52 25.12
N ASP F 117 -73.84 -22.35 25.49
CA ASP F 117 -73.38 -21.09 26.05
C ASP F 117 -72.16 -20.52 25.34
N HIS F 118 -71.98 -20.78 24.05
CA HIS F 118 -70.87 -20.30 23.24
C HIS F 118 -69.51 -20.84 23.70
N ILE F 119 -69.50 -21.70 24.72
CA ILE F 119 -68.27 -22.35 25.16
C ILE F 119 -68.44 -23.86 25.16
N LEU F 120 -69.52 -24.34 25.76
CA LEU F 120 -69.73 -25.77 25.94
C LEU F 120 -71.20 -26.10 25.75
N CYS F 121 -71.45 -27.38 25.45
CA CYS F 121 -72.81 -27.91 25.38
C CYS F 121 -73.09 -28.71 26.64
N TRP F 122 -74.17 -28.35 27.33
CA TRP F 122 -74.50 -28.99 28.59
C TRP F 122 -75.64 -29.98 28.41
N PRO F 123 -75.54 -31.16 28.99
CA PRO F 123 -76.60 -32.16 28.88
C PRO F 123 -77.74 -31.83 29.83
N LEU F 124 -78.69 -32.76 29.92
CA LEU F 124 -79.83 -32.62 30.83
C LEU F 124 -79.32 -32.47 32.27
N GLY F 125 -79.57 -31.30 32.87
CA GLY F 125 -79.04 -31.02 34.19
C GLY F 125 -79.77 -31.79 35.27
N ALA F 126 -79.02 -32.22 36.28
CA ALA F 126 -79.61 -32.90 37.41
C ALA F 126 -80.45 -31.91 38.23
N PRO F 127 -81.66 -32.28 38.65
CA PRO F 127 -82.50 -31.33 39.40
C PRO F 127 -81.87 -30.99 40.74
N GLY F 128 -81.52 -29.72 40.92
CA GLY F 128 -80.95 -29.26 42.16
C GLY F 128 -79.53 -29.69 42.41
N GLU F 129 -78.79 -30.07 41.36
CA GLU F 129 -77.42 -30.55 41.52
C GLU F 129 -76.54 -29.90 40.46
N VAL F 130 -75.25 -29.81 40.78
CA VAL F 130 -74.28 -29.23 39.86
C VAL F 130 -73.85 -30.26 38.83
N VAL F 131 -73.87 -29.87 37.56
CA VAL F 131 -73.48 -30.72 36.45
C VAL F 131 -72.10 -30.29 35.97
N ALA F 132 -71.20 -31.27 35.84
CA ALA F 132 -69.84 -31.04 35.40
C ALA F 132 -69.64 -31.69 34.04
N VAL F 133 -69.01 -30.95 33.12
CA VAL F 133 -68.74 -31.42 31.77
C VAL F 133 -67.25 -31.30 31.50
N PRO F 134 -66.60 -32.32 30.93
CA PRO F 134 -65.16 -32.21 30.65
C PRO F 134 -64.85 -31.06 29.71
N CYS F 135 -63.67 -30.48 29.87
CA CYS F 135 -63.28 -29.33 29.07
C CYS F 135 -63.26 -29.70 27.59
N PRO F 136 -63.68 -28.82 26.70
CA PRO F 136 -63.82 -29.20 25.29
C PRO F 136 -62.45 -29.45 24.65
N ASP F 137 -62.41 -30.46 23.77
CA ASP F 137 -61.18 -30.76 23.06
C ASP F 137 -60.91 -29.77 21.93
N TYR F 138 -61.97 -29.21 21.33
CA TYR F 138 -61.81 -28.30 20.21
C TYR F 138 -61.16 -26.98 20.60
N ILE F 139 -61.13 -26.65 21.89
CA ILE F 139 -60.43 -25.45 22.36
C ILE F 139 -58.94 -25.81 22.48
N TYR F 140 -58.10 -24.99 21.86
CA TYR F 140 -56.67 -25.32 21.80
C TYR F 140 -55.97 -25.03 23.13
N ASP F 141 -56.56 -24.19 23.98
CA ASP F 141 -55.87 -23.71 25.18
C ASP F 141 -56.43 -24.27 26.48
N PHE F 142 -57.63 -24.82 26.47
CA PHE F 142 -58.18 -25.38 27.71
C PHE F 142 -57.46 -26.66 28.12
N ASN F 143 -57.37 -26.85 29.44
CA ASN F 143 -56.88 -28.10 29.99
C ASN F 143 -57.97 -29.16 29.87
N HIS F 144 -57.86 -30.04 28.86
CA HIS F 144 -58.95 -30.94 28.51
C HIS F 144 -59.30 -31.92 29.64
N LYS F 145 -58.42 -32.08 30.63
CA LYS F 145 -58.69 -33.00 31.72
C LYS F 145 -59.60 -32.40 32.79
N GLY F 146 -59.82 -31.09 32.77
CA GLY F 146 -60.66 -30.45 33.76
C GLY F 146 -62.15 -30.61 33.46
N HIS F 147 -62.95 -30.05 34.35
CA HIS F 147 -64.41 -30.11 34.24
C HIS F 147 -65.02 -28.76 34.58
N ALA F 148 -65.79 -28.22 33.64
CA ALA F 148 -66.55 -27.00 33.88
C ALA F 148 -67.87 -27.33 34.57
N TYR F 149 -68.34 -26.40 35.40
CA TYR F 149 -69.49 -26.64 36.26
C TYR F 149 -70.61 -25.65 35.95
N ARG F 150 -71.84 -26.16 35.98
CA ARG F 150 -73.04 -25.35 35.88
C ARG F 150 -74.03 -25.85 36.92
N ARG F 151 -74.90 -24.96 37.39
CA ARG F 151 -75.83 -25.31 38.46
C ARG F 151 -77.27 -25.30 37.95
N CYS F 152 -78.00 -26.35 38.29
CA CYS F 152 -79.40 -26.54 37.92
C CYS F 152 -80.27 -26.52 39.16
N ASP F 153 -81.50 -26.01 38.99
CA ASP F 153 -82.46 -26.01 40.09
C ASP F 153 -83.36 -27.25 40.01
N ARG F 154 -84.34 -27.31 40.91
CA ARG F 154 -85.29 -28.42 40.91
C ARG F 154 -86.47 -28.19 39.98
N ASN F 155 -86.62 -26.98 39.42
CA ASN F 155 -87.72 -26.69 38.52
C ASN F 155 -87.37 -26.86 37.05
N GLY F 156 -86.11 -27.20 36.74
CA GLY F 156 -85.72 -27.42 35.37
C GLY F 156 -85.16 -26.21 34.66
N SER F 157 -84.81 -25.16 35.39
CA SER F 157 -84.25 -23.94 34.81
C SER F 157 -82.84 -23.74 35.32
N TRP F 158 -81.91 -23.44 34.40
CA TRP F 158 -80.52 -23.23 34.79
C TRP F 158 -80.41 -22.03 35.72
N GLU F 159 -79.52 -22.14 36.70
CA GLU F 159 -79.34 -21.06 37.65
C GLU F 159 -78.76 -19.83 36.97
N LEU F 160 -79.31 -18.67 37.31
CA LEU F 160 -78.86 -17.39 36.77
C LEU F 160 -78.05 -16.65 37.83
N VAL F 161 -77.09 -15.85 37.37
CA VAL F 161 -76.30 -15.04 38.30
C VAL F 161 -77.23 -14.04 38.99
N PRO F 162 -77.16 -13.89 40.32
CA PRO F 162 -78.07 -12.95 40.99
C PRO F 162 -77.93 -11.53 40.45
N GLY F 163 -79.06 -10.87 40.27
CA GLY F 163 -79.08 -9.52 39.75
C GLY F 163 -78.89 -9.41 38.24
N HIS F 164 -78.82 -10.53 37.53
CA HIS F 164 -78.57 -10.52 36.09
C HIS F 164 -79.25 -11.72 35.46
N ASN F 165 -79.40 -11.66 34.14
CA ASN F 165 -79.88 -12.80 33.37
C ASN F 165 -78.77 -13.76 32.98
N ARG F 166 -77.53 -13.46 33.34
CA ARG F 166 -76.41 -14.32 32.99
C ARG F 166 -76.56 -15.70 33.63
N THR F 167 -76.35 -16.74 32.82
CA THR F 167 -76.39 -18.10 33.35
C THR F 167 -75.11 -18.38 34.14
N TRP F 168 -75.26 -19.03 35.29
CA TRP F 168 -74.11 -19.32 36.13
C TRP F 168 -73.20 -20.33 35.45
N ALA F 169 -71.89 -20.10 35.56
CA ALA F 169 -70.90 -20.95 34.93
C ALA F 169 -69.62 -20.92 35.74
N ASN F 170 -68.78 -21.93 35.53
CA ASN F 170 -67.49 -22.01 36.22
C ASN F 170 -66.54 -22.82 35.34
N TYR F 171 -65.66 -22.13 34.63
CA TYR F 171 -64.66 -22.77 33.79
C TYR F 171 -63.26 -22.69 34.38
N SER F 172 -63.13 -22.58 35.71
CA SER F 172 -61.83 -22.41 36.33
C SER F 172 -60.93 -23.61 36.15
N GLU F 173 -61.48 -24.79 35.88
CA GLU F 173 -60.64 -25.97 35.68
C GLU F 173 -59.98 -25.97 34.30
N CYS F 174 -60.65 -25.43 33.28
CA CYS F 174 -60.08 -25.41 31.95
C CYS F 174 -59.00 -24.33 31.80
N VAL F 175 -59.02 -23.30 32.67
CA VAL F 175 -58.11 -22.18 32.53
C VAL F 175 -56.77 -22.40 33.23
N LYS F 176 -56.47 -23.63 33.66
CA LYS F 176 -55.22 -23.88 34.36
C LYS F 176 -54.01 -23.55 33.49
N PHE F 177 -54.05 -23.90 32.20
CA PHE F 177 -52.94 -23.59 31.30
C PHE F 177 -52.90 -22.12 30.91
N LEU F 178 -53.97 -21.37 31.17
CA LEU F 178 -54.02 -19.98 30.78
C LEU F 178 -53.28 -19.09 31.77
N THR F 179 -52.66 -18.04 31.24
CA THR F 179 -51.94 -17.06 32.04
C THR F 179 -51.81 -15.79 31.21
N ASN F 180 -51.86 -14.64 31.88
CA ASN F 180 -51.66 -13.38 31.18
C ASN F 180 -50.35 -13.41 30.39
N GLU F 181 -49.32 -14.05 30.94
CA GLU F 181 -48.07 -14.35 30.25
C GLU F 181 -47.46 -13.08 29.67
N THR F 182 -47.44 -12.01 30.48
CA THR F 182 -46.83 -10.77 30.05
C THR F 182 -45.31 -10.91 29.92
N ARG F 183 -44.73 -11.97 30.49
CA ARG F 183 -43.30 -12.14 30.44
C ARG F 183 -42.83 -12.51 29.03
N GLU F 184 -43.61 -13.29 28.30
CA GLU F 184 -43.22 -13.63 26.93
C GLU F 184 -43.29 -12.40 26.03
N ARG F 185 -44.34 -11.58 26.18
CA ARG F 185 -44.39 -10.31 25.46
C ARG F 185 -43.22 -9.42 25.84
N GLU F 186 -42.85 -9.41 27.13
CA GLU F 186 -41.72 -8.61 27.56
C GLU F 186 -40.42 -9.11 26.95
N VAL F 187 -40.25 -10.42 26.85
CA VAL F 187 -39.04 -10.99 26.23
C VAL F 187 -38.99 -10.60 24.76
N PHE F 188 -40.07 -10.78 24.01
CA PHE F 188 -40.09 -10.39 22.57
C PHE F 188 -39.89 -8.87 22.40
N ASP F 189 -40.43 -8.04 23.30
CA ASP F 189 -40.21 -6.60 23.22
C ASP F 189 -38.76 -6.25 23.53
N ARG F 190 -38.18 -6.92 24.53
CA ARG F 190 -36.79 -6.68 24.88
C ARG F 190 -35.86 -7.08 23.74
N LEU F 191 -36.13 -8.23 23.12
CA LEU F 191 -35.35 -8.64 21.96
C LEU F 191 -35.47 -7.62 20.84
N GLY F 192 -36.70 -7.19 20.55
CA GLY F 192 -36.89 -6.19 19.52
C GLY F 192 -36.12 -4.92 19.80
N MET F 193 -36.19 -4.43 21.05
CA MET F 193 -35.48 -3.21 21.41
C MET F 193 -33.97 -3.39 21.28
N ILE F 194 -33.44 -4.52 21.74
CA ILE F 194 -31.99 -4.67 21.74
C ILE F 194 -31.46 -4.79 20.31
N TYR F 195 -32.11 -5.58 19.46
CA TYR F 195 -31.56 -5.64 18.10
C TYR F 195 -31.91 -4.40 17.31
N THR F 196 -32.96 -3.66 17.70
CA THR F 196 -33.21 -2.37 17.07
C THR F 196 -32.09 -1.40 17.37
N VAL F 197 -31.68 -1.31 18.64
CA VAL F 197 -30.57 -0.44 19.01
C VAL F 197 -29.29 -0.89 18.32
N GLY F 198 -29.04 -2.20 18.31
CA GLY F 198 -27.83 -2.70 17.67
C GLY F 198 -27.79 -2.40 16.18
N TYR F 199 -28.91 -2.67 15.49
CA TYR F 199 -28.95 -2.43 14.06
C TYR F 199 -28.92 -0.94 13.73
N SER F 200 -29.49 -0.08 14.59
CA SER F 200 -29.40 1.36 14.36
C SER F 200 -27.97 1.85 14.52
N VAL F 201 -27.27 1.39 15.56
CA VAL F 201 -25.87 1.76 15.74
C VAL F 201 -25.04 1.25 14.57
N SER F 202 -25.30 0.01 14.14
CA SER F 202 -24.60 -0.55 12.99
C SER F 202 -24.87 0.27 11.74
N LEU F 203 -26.13 0.66 11.54
CA LEU F 203 -26.49 1.44 10.35
C LEU F 203 -25.77 2.78 10.35
N ALA F 204 -25.72 3.46 11.49
CA ALA F 204 -25.02 4.75 11.56
C ALA F 204 -23.53 4.57 11.29
N SER F 205 -22.90 3.61 11.98
CA SER F 205 -21.47 3.39 11.81
C SER F 205 -21.15 3.00 10.38
N LEU F 206 -21.99 2.18 9.75
CA LEU F 206 -21.74 1.74 8.39
C LEU F 206 -22.02 2.85 7.38
N THR F 207 -22.97 3.75 7.67
CA THR F 207 -23.13 4.91 6.80
C THR F 207 -21.87 5.76 6.82
N VAL F 208 -21.32 6.01 8.01
CA VAL F 208 -20.06 6.74 8.11
C VAL F 208 -18.96 6.00 7.34
N ALA F 209 -18.90 4.68 7.52
CA ALA F 209 -17.84 3.88 6.91
C ALA F 209 -17.93 3.90 5.39
N VAL F 210 -19.14 3.74 4.84
CA VAL F 210 -19.29 3.67 3.39
C VAL F 210 -19.08 5.05 2.78
N LEU F 211 -19.49 6.11 3.48
CA LEU F 211 -19.20 7.45 2.98
C LEU F 211 -17.70 7.69 2.94
N ILE F 212 -16.98 7.24 3.96
CA ILE F 212 -15.52 7.37 3.95
C ILE F 212 -14.91 6.57 2.80
N LEU F 213 -15.37 5.33 2.62
CA LEU F 213 -14.80 4.48 1.58
C LEU F 213 -15.06 5.03 0.18
N ALA F 214 -16.28 5.49 -0.09
CA ALA F 214 -16.61 5.95 -1.43
C ALA F 214 -16.04 7.34 -1.70
N TYR F 215 -15.98 8.19 -0.67
CA TYR F 215 -15.52 9.56 -0.88
C TYR F 215 -14.04 9.60 -1.29
N PHE F 216 -13.22 8.78 -0.65
CA PHE F 216 -11.78 8.77 -0.93
C PHE F 216 -11.49 7.82 -2.07
N ARG F 217 -10.92 8.34 -3.16
CA ARG F 217 -10.60 7.50 -4.31
C ARG F 217 -9.35 6.67 -4.09
N ARG F 218 -8.49 7.06 -3.14
CA ARG F 218 -7.36 6.18 -2.78
C ARG F 218 -7.87 4.81 -2.35
N LEU F 219 -8.88 4.80 -1.48
CA LEU F 219 -9.40 3.56 -0.91
C LEU F 219 -10.01 2.63 -1.96
N HIS F 220 -10.35 3.13 -3.13
CA HIS F 220 -11.01 2.29 -4.14
C HIS F 220 -10.12 1.13 -4.53
N CYS F 221 -10.51 -0.07 -4.10
CA CYS F 221 -9.76 -1.30 -4.36
C CYS F 221 -10.74 -2.45 -4.27
N THR F 222 -10.33 -3.60 -4.81
CA THR F 222 -11.20 -4.77 -4.78
C THR F 222 -11.57 -5.15 -3.35
N ARG F 223 -10.60 -5.11 -2.44
CA ARG F 223 -10.90 -5.32 -1.03
C ARG F 223 -11.92 -4.30 -0.53
N ASN F 224 -11.67 -3.02 -0.79
CA ASN F 224 -12.61 -2.00 -0.34
C ASN F 224 -13.90 -1.99 -1.14
N TYR F 225 -13.86 -2.43 -2.40
CA TYR F 225 -15.10 -2.55 -3.16
C TYR F 225 -16.00 -3.61 -2.55
N ILE F 226 -15.43 -4.77 -2.19
CA ILE F 226 -16.19 -5.80 -1.53
C ILE F 226 -16.61 -5.34 -0.14
N HIS F 227 -15.78 -4.54 0.52
CA HIS F 227 -16.17 -3.97 1.81
C HIS F 227 -17.37 -3.05 1.67
N MET F 228 -17.39 -2.22 0.63
CA MET F 228 -18.54 -1.34 0.41
C MET F 228 -19.80 -2.15 0.12
N HIS F 229 -19.67 -3.21 -0.68
CA HIS F 229 -20.83 -4.06 -0.93
C HIS F 229 -21.32 -4.73 0.35
N LEU F 230 -20.39 -5.18 1.20
CA LEU F 230 -20.76 -5.77 2.47
C LEU F 230 -21.45 -4.74 3.37
N PHE F 231 -20.93 -3.52 3.41
CA PHE F 231 -21.55 -2.47 4.19
C PHE F 231 -22.96 -2.19 3.70
N LEU F 232 -23.15 -2.16 2.39
CA LEU F 232 -24.47 -1.93 1.81
C LEU F 232 -25.42 -3.08 2.15
N SER F 233 -24.90 -4.31 2.15
CA SER F 233 -25.73 -5.44 2.56
C SER F 233 -26.18 -5.30 4.01
N PHE F 234 -25.27 -4.86 4.88
CA PHE F 234 -25.64 -4.61 6.27
C PHE F 234 -26.68 -3.49 6.37
N MET F 235 -26.50 -2.42 5.60
CA MET F 235 -27.50 -1.37 5.54
C MET F 235 -28.86 -1.92 5.20
N LEU F 236 -28.92 -2.71 4.12
CA LEU F 236 -30.18 -3.24 3.63
C LEU F 236 -30.82 -4.16 4.67
N ARG F 237 -30.02 -5.01 5.31
CA ARG F 237 -30.55 -5.88 6.36
C ARG F 237 -31.15 -5.05 7.49
N ALA F 238 -30.41 -4.04 7.96
CA ALA F 238 -30.89 -3.25 9.10
C ALA F 238 -32.15 -2.47 8.74
N VAL F 239 -32.13 -1.74 7.63
CA VAL F 239 -33.26 -0.91 7.27
C VAL F 239 -34.47 -1.77 6.93
N SER F 240 -34.24 -2.95 6.36
CA SER F 240 -35.37 -3.80 6.01
C SER F 240 -35.96 -4.47 7.25
N ILE F 241 -35.13 -4.77 8.25
CA ILE F 241 -35.67 -5.25 9.52
C ILE F 241 -36.49 -4.15 10.19
N PHE F 242 -36.02 -2.90 10.09
CA PHE F 242 -36.81 -1.79 10.59
C PHE F 242 -38.13 -1.66 9.85
N VAL F 243 -38.11 -1.83 8.53
CA VAL F 243 -39.32 -1.77 7.73
C VAL F 243 -40.27 -2.89 8.12
N LYS F 244 -39.74 -4.09 8.34
CA LYS F 244 -40.56 -5.20 8.78
C LYS F 244 -41.20 -4.92 10.13
N ASP F 245 -40.43 -4.34 11.05
CA ASP F 245 -40.97 -3.97 12.35
C ASP F 245 -42.09 -2.95 12.22
N ALA F 246 -41.89 -1.92 11.40
CA ALA F 246 -42.89 -0.86 11.28
C ALA F 246 -44.15 -1.35 10.57
N VAL F 247 -43.98 -2.05 9.45
CA VAL F 247 -45.12 -2.52 8.67
C VAL F 247 -45.87 -3.63 9.39
N LEU F 248 -45.15 -4.45 10.16
CA LEU F 248 -45.64 -5.75 10.59
C LEU F 248 -45.97 -5.85 12.06
N TYR F 249 -45.33 -5.06 12.93
CA TYR F 249 -45.55 -5.16 14.36
C TYR F 249 -46.04 -3.87 15.00
N SER F 250 -46.48 -2.90 14.21
CA SER F 250 -47.00 -1.64 14.75
C SER F 250 -48.43 -1.80 15.23
N ALA F 280 -54.00 -8.02 7.69
CA ALA F 280 -53.13 -7.26 6.80
C ALA F 280 -52.32 -8.19 5.89
N GLY F 281 -52.96 -9.26 5.43
CA GLY F 281 -52.30 -10.25 4.60
C GLY F 281 -52.14 -9.85 3.16
N TYR F 282 -52.20 -8.55 2.88
CA TYR F 282 -52.10 -8.07 1.51
C TYR F 282 -50.66 -8.15 1.01
N ALA F 283 -50.45 -7.62 -0.20
CA ALA F 283 -49.12 -7.65 -0.80
C ALA F 283 -48.16 -6.71 -0.08
N GLY F 284 -48.68 -5.70 0.62
CA GLY F 284 -47.82 -4.78 1.35
C GLY F 284 -47.03 -5.42 2.47
N CYS F 285 -47.64 -6.39 3.17
CA CYS F 285 -46.96 -7.15 4.20
C CYS F 285 -46.00 -8.17 3.60
N ARG F 286 -46.44 -8.85 2.54
CA ARG F 286 -45.62 -9.91 1.95
C ARG F 286 -44.37 -9.34 1.30
N VAL F 287 -44.47 -8.18 0.67
CA VAL F 287 -43.30 -7.56 0.05
C VAL F 287 -42.31 -7.13 1.13
N ALA F 288 -42.80 -6.65 2.27
CA ALA F 288 -41.90 -6.28 3.36
C ALA F 288 -41.18 -7.51 3.92
N VAL F 289 -41.92 -8.61 4.11
CA VAL F 289 -41.30 -9.83 4.60
C VAL F 289 -40.27 -10.35 3.61
N THR F 290 -40.60 -10.30 2.32
CA THR F 290 -39.68 -10.75 1.29
C THR F 290 -38.41 -9.89 1.25
N PHE F 291 -38.58 -8.57 1.38
CA PHE F 291 -37.41 -7.70 1.44
C PHE F 291 -36.56 -8.00 2.65
N PHE F 292 -37.18 -8.24 3.81
CA PHE F 292 -36.43 -8.63 4.99
C PHE F 292 -35.61 -9.88 4.73
N LEU F 293 -36.25 -10.92 4.22
CA LEU F 293 -35.56 -12.19 3.98
C LEU F 293 -34.44 -12.01 2.96
N TYR F 294 -34.71 -11.29 1.88
CA TYR F 294 -33.72 -11.14 0.82
C TYR F 294 -32.51 -10.34 1.31
N PHE F 295 -32.75 -9.22 2.00
CA PHE F 295 -31.63 -8.41 2.46
C PHE F 295 -30.83 -9.11 3.55
N LEU F 296 -31.50 -9.88 4.41
CA LEU F 296 -30.79 -10.69 5.38
C LEU F 296 -29.91 -11.73 4.68
N ALA F 297 -30.46 -12.36 3.64
CA ALA F 297 -29.67 -13.33 2.87
C ALA F 297 -28.49 -12.66 2.18
N THR F 298 -28.68 -11.44 1.68
CA THR F 298 -27.56 -10.71 1.08
C THR F 298 -26.49 -10.42 2.12
N ASN F 299 -26.88 -10.03 3.32
CA ASN F 299 -25.88 -9.76 4.35
C ASN F 299 -25.09 -11.02 4.69
N TYR F 300 -25.79 -12.14 4.88
CA TYR F 300 -25.10 -13.40 5.15
C TYR F 300 -24.18 -13.79 4.00
N TYR F 301 -24.66 -13.67 2.77
CA TYR F 301 -23.85 -14.11 1.64
C TYR F 301 -22.73 -13.12 1.32
N TRP F 302 -22.84 -11.88 1.76
CA TRP F 302 -21.71 -10.96 1.59
C TRP F 302 -20.68 -11.17 2.69
N ILE F 303 -21.12 -11.58 3.89
CA ILE F 303 -20.18 -12.12 4.87
C ILE F 303 -19.41 -13.29 4.27
N LEU F 304 -20.14 -14.21 3.62
CA LEU F 304 -19.50 -15.35 2.96
C LEU F 304 -18.59 -14.89 1.83
N VAL F 305 -18.98 -13.85 1.09
CA VAL F 305 -18.17 -13.36 -0.02
C VAL F 305 -16.88 -12.73 0.49
N GLU F 306 -16.96 -12.00 1.60
CA GLU F 306 -15.73 -11.49 2.23
C GLU F 306 -14.82 -12.63 2.64
N GLY F 307 -15.38 -13.67 3.25
CA GLY F 307 -14.58 -14.83 3.60
C GLY F 307 -13.93 -15.45 2.38
N LEU F 308 -14.72 -15.63 1.31
CA LEU F 308 -14.20 -16.25 0.09
C LEU F 308 -13.13 -15.38 -0.56
N TYR F 309 -13.31 -14.07 -0.54
CA TYR F 309 -12.34 -13.17 -1.16
C TYR F 309 -11.01 -13.21 -0.41
N LEU F 310 -11.06 -13.18 0.92
CA LEU F 310 -9.82 -13.28 1.68
C LEU F 310 -9.18 -14.65 1.49
N HIS F 311 -9.99 -15.70 1.44
CA HIS F 311 -9.46 -17.05 1.21
C HIS F 311 -8.84 -17.16 -0.18
N SER F 312 -9.37 -16.43 -1.15
CA SER F 312 -8.77 -16.43 -2.48
C SER F 312 -7.47 -15.63 -2.50
N LEU F 313 -7.46 -14.48 -1.82
CA LEU F 313 -6.23 -13.71 -1.72
C LEU F 313 -5.13 -14.50 -1.05
N ILE F 314 -5.47 -15.40 -0.15
CA ILE F 314 -4.46 -16.19 0.55
C ILE F 314 -4.10 -17.45 -0.24
N PHE F 315 -5.07 -18.35 -0.40
CA PHE F 315 -4.81 -19.65 -1.01
C PHE F 315 -4.67 -19.61 -2.52
N MET F 316 -5.54 -18.88 -3.22
CA MET F 316 -5.40 -18.72 -4.65
C MET F 316 -4.22 -17.79 -4.87
N ALA F 317 -3.04 -18.40 -5.00
CA ALA F 317 -1.73 -17.75 -4.94
C ALA F 317 -1.70 -16.39 -5.61
N PHE F 318 -2.26 -16.31 -6.82
CA PHE F 318 -2.32 -15.06 -7.56
C PHE F 318 -3.70 -14.95 -8.20
N PHE F 319 -4.34 -13.79 -8.03
CA PHE F 319 -5.77 -13.64 -8.17
C PHE F 319 -6.10 -12.99 -9.52
N SER F 320 -7.03 -13.60 -10.25
CA SER F 320 -7.55 -13.03 -11.50
C SER F 320 -8.83 -12.25 -11.16
N GLU F 321 -8.70 -10.92 -11.15
CA GLU F 321 -9.79 -10.07 -10.71
C GLU F 321 -10.99 -10.16 -11.63
N LYS F 322 -10.76 -10.17 -12.94
CA LYS F 322 -11.87 -10.14 -13.90
C LYS F 322 -12.75 -11.38 -13.79
N LYS F 323 -12.15 -12.54 -13.54
CA LYS F 323 -12.91 -13.79 -13.48
C LYS F 323 -13.72 -13.93 -12.20
N TYR F 324 -13.46 -13.13 -11.19
CA TYR F 324 -14.09 -13.38 -9.90
C TYR F 324 -14.86 -12.19 -9.33
N LEU F 325 -14.37 -10.97 -9.54
CA LEU F 325 -14.99 -9.81 -8.88
C LEU F 325 -16.45 -9.64 -9.31
N TRP F 326 -16.71 -9.71 -10.63
CA TRP F 326 -18.10 -9.74 -11.09
C TRP F 326 -18.81 -10.98 -10.56
N GLY F 327 -18.12 -12.12 -10.58
CA GLY F 327 -18.70 -13.32 -10.02
C GLY F 327 -19.02 -13.19 -8.54
N PHE F 328 -18.12 -12.55 -7.79
CA PHE F 328 -18.39 -12.34 -6.37
C PHE F 328 -19.58 -11.41 -6.15
N THR F 329 -19.67 -10.34 -6.94
CA THR F 329 -20.81 -9.44 -6.81
C THR F 329 -22.13 -10.16 -7.12
N VAL F 330 -22.13 -10.98 -8.18
CA VAL F 330 -23.32 -11.75 -8.49
C VAL F 330 -23.64 -12.73 -7.38
N PHE F 331 -22.64 -13.45 -6.86
CA PHE F 331 -22.88 -14.39 -5.78
C PHE F 331 -23.40 -13.69 -4.53
N GLY F 332 -23.00 -12.45 -4.30
CA GLY F 332 -23.43 -11.72 -3.12
C GLY F 332 -24.78 -11.05 -3.24
N TRP F 333 -25.22 -10.74 -4.46
CA TRP F 333 -26.50 -10.06 -4.63
C TRP F 333 -27.56 -10.91 -5.33
N GLY F 334 -27.25 -11.49 -6.48
CA GLY F 334 -28.23 -12.23 -7.24
C GLY F 334 -28.66 -13.56 -6.63
N LEU F 335 -27.71 -14.35 -6.15
CA LEU F 335 -28.05 -15.64 -5.55
C LEU F 335 -28.97 -15.50 -4.33
N PRO F 336 -28.73 -14.56 -3.38
CA PRO F 336 -29.74 -14.31 -2.35
C PRO F 336 -31.08 -13.93 -2.97
N ALA F 337 -31.05 -13.18 -4.06
CA ALA F 337 -32.29 -12.96 -4.80
C ALA F 337 -32.82 -14.25 -5.40
N VAL F 338 -31.93 -15.13 -5.86
CA VAL F 338 -32.36 -16.36 -6.53
C VAL F 338 -33.19 -17.22 -5.57
N PHE F 339 -32.61 -17.62 -4.44
CA PHE F 339 -33.36 -18.55 -3.61
C PHE F 339 -34.49 -17.86 -2.84
N VAL F 340 -34.39 -16.56 -2.60
CA VAL F 340 -35.53 -15.85 -2.01
C VAL F 340 -36.70 -15.81 -2.99
N ALA F 341 -36.41 -15.61 -4.29
CA ALA F 341 -37.47 -15.67 -5.29
C ALA F 341 -38.04 -17.08 -5.40
N VAL F 342 -37.19 -18.10 -5.27
CA VAL F 342 -37.68 -19.47 -5.26
C VAL F 342 -38.62 -19.70 -4.09
N TRP F 343 -38.24 -19.21 -2.91
CA TRP F 343 -39.10 -19.35 -1.73
C TRP F 343 -40.41 -18.59 -1.93
N VAL F 344 -40.35 -17.40 -2.53
CA VAL F 344 -41.56 -16.63 -2.79
C VAL F 344 -42.48 -17.40 -3.73
N SER F 345 -41.92 -18.00 -4.77
CA SER F 345 -42.71 -18.78 -5.71
C SER F 345 -43.38 -19.96 -5.01
N VAL F 346 -42.62 -20.71 -4.20
CA VAL F 346 -43.19 -21.87 -3.52
C VAL F 346 -44.25 -21.42 -2.51
N ARG F 347 -44.03 -20.28 -1.86
CA ARG F 347 -44.98 -19.78 -0.89
C ARG F 347 -46.29 -19.37 -1.56
N ALA F 348 -46.20 -18.63 -2.67
CA ALA F 348 -47.39 -18.23 -3.40
C ALA F 348 -48.07 -19.41 -4.08
N THR F 349 -47.34 -20.49 -4.33
CA THR F 349 -47.94 -21.66 -4.96
C THR F 349 -48.69 -22.52 -3.93
N LEU F 350 -48.02 -22.88 -2.83
CA LEU F 350 -48.55 -23.86 -1.90
C LEU F 350 -49.17 -23.24 -0.65
N ALA F 351 -48.74 -22.07 -0.21
CA ALA F 351 -49.33 -21.49 0.98
C ALA F 351 -50.11 -20.21 0.69
N ASN F 352 -49.43 -19.21 0.14
CA ASN F 352 -50.05 -17.93 -0.27
C ASN F 352 -51.05 -17.41 0.77
N THR F 353 -50.76 -17.62 2.05
CA THR F 353 -51.72 -17.32 3.11
C THR F 353 -51.25 -16.14 3.94
N GLY F 354 -52.15 -15.16 4.12
CA GLY F 354 -52.00 -13.97 4.94
C GLY F 354 -50.65 -13.30 4.78
N CYS F 355 -50.19 -12.70 5.87
CA CYS F 355 -48.81 -12.23 5.94
C CYS F 355 -47.87 -13.42 5.85
N TRP F 356 -46.78 -13.24 5.13
CA TRP F 356 -45.80 -14.33 5.10
C TRP F 356 -44.91 -14.35 6.32
N ASP F 357 -45.31 -13.59 7.36
CA ASP F 357 -44.70 -13.71 8.67
C ASP F 357 -44.75 -15.14 9.17
N LEU F 358 -45.93 -15.76 9.12
CA LEU F 358 -46.10 -17.10 9.64
C LEU F 358 -45.32 -18.11 8.79
N SER F 359 -44.54 -18.95 9.46
CA SER F 359 -43.81 -19.99 8.76
C SER F 359 -44.79 -20.99 8.14
N SER F 360 -44.41 -21.53 6.99
CA SER F 360 -45.24 -22.48 6.27
C SER F 360 -44.57 -23.84 6.24
N GLY F 361 -44.01 -24.26 7.36
CA GLY F 361 -43.34 -25.55 7.43
C GLY F 361 -41.97 -25.52 6.77
N ASN F 362 -41.58 -26.67 6.23
CA ASN F 362 -40.25 -26.82 5.64
C ASN F 362 -39.97 -25.84 4.52
N LYS F 363 -40.99 -25.17 4.00
CA LYS F 363 -40.78 -24.12 3.00
C LYS F 363 -39.81 -23.06 3.52
N LYS F 364 -39.86 -22.77 4.82
CA LYS F 364 -38.94 -21.79 5.38
C LYS F 364 -37.50 -22.17 5.12
N TRP F 365 -37.20 -23.46 5.11
CA TRP F 365 -35.79 -23.86 4.91
C TRP F 365 -35.30 -23.26 3.59
N ILE F 366 -36.17 -23.19 2.59
CA ILE F 366 -35.72 -22.72 1.27
C ILE F 366 -34.88 -21.46 1.42
N ILE F 367 -35.11 -20.69 2.47
CA ILE F 367 -34.21 -19.57 2.78
C ILE F 367 -33.22 -19.95 3.87
N GLN F 368 -33.62 -20.81 4.81
CA GLN F 368 -32.74 -21.11 5.93
C GLN F 368 -31.53 -21.94 5.49
N VAL F 369 -31.75 -22.96 4.67
CA VAL F 369 -30.66 -23.86 4.30
C VAL F 369 -29.53 -23.14 3.57
N PRO F 370 -29.78 -22.35 2.51
CA PRO F 370 -28.64 -21.67 1.85
C PRO F 370 -27.91 -20.67 2.73
N ILE F 371 -28.61 -19.97 3.62
CA ILE F 371 -27.92 -19.03 4.50
C ILE F 371 -27.05 -19.78 5.50
N LEU F 372 -27.59 -20.81 6.15
CA LEU F 372 -26.79 -21.62 7.05
C LEU F 372 -25.65 -22.29 6.29
N ALA F 373 -25.93 -22.78 5.08
CA ALA F 373 -24.88 -23.37 4.26
C ALA F 373 -23.75 -22.37 4.02
N SER F 374 -24.07 -21.08 4.01
CA SER F 374 -23.01 -20.08 3.93
C SER F 374 -22.16 -20.08 5.19
N ILE F 375 -22.81 -20.03 6.36
CA ILE F 375 -22.08 -19.90 7.62
C ILE F 375 -21.09 -21.04 7.79
N VAL F 376 -21.55 -22.28 7.60
CA VAL F 376 -20.64 -23.42 7.63
C VAL F 376 -19.44 -23.14 6.75
N LEU F 377 -19.68 -22.85 5.48
CA LEU F 377 -18.57 -22.59 4.56
C LEU F 377 -17.69 -21.49 5.10
N ASN F 378 -18.31 -20.39 5.57
CA ASN F 378 -17.51 -19.30 6.09
C ASN F 378 -16.67 -19.75 7.27
N PHE F 379 -17.26 -20.54 8.18
CA PHE F 379 -16.48 -21.06 9.29
C PHE F 379 -15.34 -21.93 8.78
N ILE F 380 -15.62 -22.78 7.79
CA ILE F 380 -14.58 -23.59 7.17
C ILE F 380 -13.47 -22.69 6.65
N LEU F 381 -13.82 -21.52 6.13
CA LEU F 381 -12.80 -20.59 5.68
C LEU F 381 -12.10 -19.94 6.87
N PHE F 382 -12.87 -19.53 7.88
CA PHE F 382 -12.31 -18.65 8.91
C PHE F 382 -11.13 -19.29 9.62
N ILE F 383 -11.33 -20.49 10.16
CA ILE F 383 -10.23 -21.19 10.80
C ILE F 383 -9.12 -21.47 9.78
N ASN F 384 -9.50 -21.82 8.55
CA ASN F 384 -8.51 -22.11 7.53
C ASN F 384 -7.68 -20.87 7.21
N ILE F 385 -8.20 -19.69 7.54
CA ILE F 385 -7.39 -18.49 7.39
C ILE F 385 -6.55 -18.27 8.64
N VAL F 386 -7.14 -18.49 9.82
CA VAL F 386 -6.39 -18.34 11.06
C VAL F 386 -5.24 -19.35 11.10
N ARG F 387 -5.51 -20.58 10.66
CA ARG F 387 -4.46 -21.58 10.53
C ARG F 387 -3.30 -21.05 9.69
N VAL F 388 -3.61 -20.28 8.65
CA VAL F 388 -2.55 -19.64 7.87
C VAL F 388 -1.87 -18.56 8.70
N LEU F 389 -2.65 -17.71 9.36
CA LEU F 389 -2.07 -16.61 10.13
C LEU F 389 -1.05 -17.11 11.12
N ALA F 390 -1.43 -18.08 11.96
CA ALA F 390 -0.49 -18.67 12.90
C ALA F 390 0.76 -19.15 12.17
N THR F 391 0.57 -19.86 11.05
CA THR F 391 1.72 -20.30 10.26
C THR F 391 2.60 -19.12 9.90
N LYS F 392 2.00 -18.05 9.38
CA LYS F 392 2.78 -16.85 9.09
C LYS F 392 3.48 -16.36 10.34
N LEU F 393 2.75 -16.26 11.45
CA LEU F 393 3.36 -15.82 12.70
C LEU F 393 4.36 -16.83 13.21
N ARG F 394 4.20 -18.11 12.85
CA ARG F 394 5.19 -19.11 13.21
C ARG F 394 6.47 -18.90 12.41
N GLU F 395 6.35 -18.36 11.19
CA GLU F 395 7.51 -18.18 10.34
C GLU F 395 8.17 -16.82 10.50
N THR F 396 7.69 -15.99 11.41
CA THR F 396 8.30 -14.69 11.71
C THR F 396 8.48 -14.53 13.22
N THR F 403 6.03 -17.94 20.04
CA THR F 403 6.26 -17.13 21.23
C THR F 403 4.97 -16.52 21.75
N ARG F 404 5.03 -15.99 22.98
CA ARG F 404 3.85 -15.37 23.57
C ARG F 404 3.41 -14.15 22.76
N GLN F 405 4.36 -13.38 22.22
CA GLN F 405 4.01 -12.23 21.40
C GLN F 405 3.31 -12.67 20.11
N GLN F 406 3.79 -13.75 19.48
CA GLN F 406 3.15 -14.22 18.26
C GLN F 406 1.76 -14.76 18.55
N TYR F 407 1.58 -15.41 19.71
CA TYR F 407 0.25 -15.88 20.08
C TYR F 407 -0.69 -14.72 20.39
N ARG F 408 -0.16 -13.66 21.03
CA ARG F 408 -0.97 -12.47 21.28
C ARG F 408 -1.41 -11.83 19.96
N LYS F 409 -0.50 -11.75 18.99
CA LYS F 409 -0.86 -11.18 17.69
C LYS F 409 -1.88 -12.05 16.97
N LEU F 410 -1.72 -13.38 17.06
CA LEU F 410 -2.70 -14.29 16.45
C LEU F 410 -4.07 -14.11 17.08
N LEU F 411 -4.11 -13.99 18.41
CA LEU F 411 -5.38 -13.78 19.10
C LEU F 411 -6.02 -12.47 18.70
N LYS F 412 -5.23 -11.41 18.58
CA LYS F 412 -5.77 -10.12 18.15
C LYS F 412 -6.31 -10.19 16.73
N SER F 413 -5.58 -10.86 15.83
CA SER F 413 -6.04 -11.02 14.46
C SER F 413 -7.34 -11.81 14.41
N THR F 414 -7.45 -12.88 15.19
CA THR F 414 -8.68 -13.65 15.24
C THR F 414 -9.83 -12.80 15.77
N LEU F 415 -9.58 -11.99 16.80
CA LEU F 415 -10.63 -11.14 17.35
C LEU F 415 -11.12 -10.13 16.33
N VAL F 416 -10.19 -9.52 15.58
CA VAL F 416 -10.63 -8.55 14.57
C VAL F 416 -11.18 -9.24 13.33
N LEU F 417 -10.95 -10.55 13.20
CA LEU F 417 -11.42 -11.26 12.01
C LEU F 417 -12.79 -11.89 12.21
N MET F 418 -13.19 -12.15 13.46
CA MET F 418 -14.52 -12.73 13.70
C MET F 418 -15.65 -11.84 13.19
N PRO F 419 -15.70 -10.53 13.46
CA PRO F 419 -16.84 -9.73 12.98
C PRO F 419 -17.02 -9.77 11.47
N LEU F 420 -15.93 -9.74 10.70
CA LEU F 420 -16.05 -9.81 9.25
C LEU F 420 -16.58 -11.15 8.80
N PHE F 421 -16.13 -12.23 9.44
CA PHE F 421 -16.51 -13.58 9.03
C PHE F 421 -17.80 -14.04 9.69
N GLY F 422 -18.34 -13.29 10.64
CA GLY F 422 -19.56 -13.70 11.32
C GLY F 422 -19.41 -15.04 12.01
N VAL F 423 -18.31 -15.22 12.74
CA VAL F 423 -18.05 -16.51 13.37
C VAL F 423 -19.09 -16.79 14.46
N HIS F 424 -19.57 -15.75 15.13
CA HIS F 424 -20.52 -15.94 16.23
C HIS F 424 -21.77 -16.68 15.79
N TYR F 425 -22.14 -16.57 14.51
CA TYR F 425 -23.28 -17.32 13.99
C TYR F 425 -23.13 -18.81 14.26
N ILE F 426 -21.93 -19.36 14.09
CA ILE F 426 -21.72 -20.80 14.25
C ILE F 426 -22.05 -21.24 15.67
N VAL F 427 -22.14 -20.30 16.61
CA VAL F 427 -22.51 -20.68 17.97
C VAL F 427 -23.92 -21.25 18.00
N PHE F 428 -24.85 -20.65 17.26
CA PHE F 428 -26.25 -21.08 17.29
C PHE F 428 -26.84 -21.39 15.94
N MET F 429 -26.06 -21.87 14.98
CA MET F 429 -26.62 -22.32 13.71
C MET F 429 -27.53 -23.53 13.89
N ALA F 430 -27.05 -24.53 14.64
CA ALA F 430 -27.69 -25.84 14.62
C ALA F 430 -28.95 -25.89 15.47
N THR F 431 -29.26 -24.83 16.21
CA THR F 431 -30.45 -24.84 17.05
C THR F 431 -31.71 -24.87 16.19
N PRO F 432 -32.54 -25.89 16.34
CA PRO F 432 -33.81 -25.94 15.58
C PRO F 432 -34.84 -24.99 16.16
N TYR F 433 -36.02 -24.95 15.55
CA TYR F 433 -37.02 -23.97 16.03
C TYR F 433 -37.46 -24.42 17.43
N THR F 434 -36.73 -23.98 18.44
CA THR F 434 -37.02 -24.40 19.84
C THR F 434 -38.24 -23.64 20.37
N GLU F 435 -38.86 -24.13 21.45
CA GLU F 435 -39.97 -23.43 22.06
C GLU F 435 -39.50 -22.14 22.70
N VAL F 436 -40.28 -21.06 22.56
CA VAL F 436 -39.89 -19.71 23.07
C VAL F 436 -39.77 -19.70 24.60
N SER F 437 -40.62 -20.46 25.30
CA SER F 437 -40.52 -20.56 26.75
C SER F 437 -39.44 -21.59 27.11
N GLY F 438 -38.21 -21.23 26.80
CA GLY F 438 -37.08 -22.09 27.09
C GLY F 438 -35.80 -21.31 27.35
N THR F 439 -34.91 -21.85 28.19
CA THR F 439 -33.67 -21.15 28.46
C THR F 439 -32.75 -21.16 27.25
N LEU F 440 -32.71 -22.26 26.49
CA LEU F 440 -31.90 -22.31 25.29
C LEU F 440 -32.36 -21.28 24.27
N TRP F 441 -33.66 -21.25 23.96
CA TRP F 441 -34.20 -20.23 23.02
C TRP F 441 -33.92 -18.82 23.55
N GLN F 442 -34.10 -18.59 24.86
CA GLN F 442 -33.89 -17.25 25.39
C GLN F 442 -32.44 -16.79 25.26
N VAL F 443 -31.49 -17.66 25.60
CA VAL F 443 -30.08 -17.28 25.50
C VAL F 443 -29.69 -17.15 24.03
N GLN F 444 -30.21 -18.03 23.18
CA GLN F 444 -29.96 -17.93 21.74
C GLN F 444 -30.41 -16.57 21.20
N MET F 445 -31.66 -16.20 21.50
CA MET F 445 -32.19 -14.95 20.97
C MET F 445 -31.46 -13.75 21.53
N HIS F 446 -31.18 -13.73 22.84
CA HIS F 446 -30.47 -12.57 23.37
C HIS F 446 -29.08 -12.45 22.76
N TYR F 447 -28.32 -13.56 22.74
CA TYR F 447 -26.98 -13.54 22.17
C TYR F 447 -27.01 -13.09 20.72
N GLU F 448 -27.95 -13.62 19.94
CA GLU F 448 -27.97 -13.31 18.51
C GLU F 448 -28.47 -11.90 18.25
N MET F 449 -29.59 -11.49 18.85
CA MET F 449 -30.08 -10.14 18.64
C MET F 449 -29.09 -9.10 19.14
N LEU F 450 -28.15 -9.50 20.00
CA LEU F 450 -27.07 -8.59 20.34
C LEU F 450 -25.98 -8.63 19.28
N PHE F 451 -25.41 -9.81 19.05
CA PHE F 451 -24.18 -9.92 18.25
C PHE F 451 -24.45 -9.65 16.78
N ASN F 452 -25.53 -10.20 16.22
CA ASN F 452 -25.85 -9.94 14.82
C ASN F 452 -26.13 -8.46 14.59
N SER F 453 -26.87 -7.84 15.50
CA SER F 453 -27.18 -6.43 15.36
C SER F 453 -25.92 -5.57 15.44
N PHE F 454 -24.99 -5.92 16.34
CA PHE F 454 -23.77 -5.14 16.47
C PHE F 454 -22.65 -5.62 15.55
N GLN F 455 -22.89 -6.64 14.73
CA GLN F 455 -21.86 -7.13 13.84
C GLN F 455 -21.50 -6.11 12.78
N GLY F 456 -22.50 -5.42 12.23
CA GLY F 456 -22.21 -4.36 11.28
C GLY F 456 -21.42 -3.24 11.91
N PHE F 457 -21.76 -2.87 13.14
CA PHE F 457 -20.99 -1.86 13.86
C PHE F 457 -19.55 -2.31 14.10
N PHE F 458 -19.37 -3.57 14.48
CA PHE F 458 -18.03 -4.11 14.67
C PHE F 458 -17.23 -4.06 13.38
N VAL F 459 -17.85 -4.45 12.27
CA VAL F 459 -17.16 -4.45 10.98
C VAL F 459 -16.79 -3.02 10.58
N ALA F 460 -17.70 -2.08 10.78
CA ALA F 460 -17.42 -0.69 10.46
C ALA F 460 -16.26 -0.15 11.30
N ILE F 461 -16.24 -0.49 12.59
CA ILE F 461 -15.17 -0.01 13.46
C ILE F 461 -13.83 -0.63 13.06
N ILE F 462 -13.80 -1.93 12.86
CA ILE F 462 -12.53 -2.62 12.65
C ILE F 462 -11.99 -2.34 11.25
N TYR F 463 -12.80 -2.61 10.23
CA TYR F 463 -12.31 -2.59 8.86
C TYR F 463 -12.43 -1.23 8.19
N CYS F 464 -13.09 -0.26 8.81
CA CYS F 464 -13.04 1.12 8.33
C CYS F 464 -12.41 2.04 9.37
N PHE F 465 -12.94 2.10 10.59
CA PHE F 465 -12.41 3.03 11.58
C PHE F 465 -11.04 2.63 12.08
N CYS F 466 -10.80 1.33 12.29
CA CYS F 466 -9.50 0.87 12.77
C CYS F 466 -8.54 0.54 11.64
N ASN F 467 -8.99 0.60 10.39
CA ASN F 467 -8.10 0.32 9.27
C ASN F 467 -7.03 1.40 9.16
N GLY F 468 -5.76 0.97 9.15
CA GLY F 468 -4.67 1.92 9.11
C GLY F 468 -4.68 2.80 7.86
N GLU F 469 -5.01 2.21 6.71
CA GLU F 469 -5.12 2.99 5.48
C GLU F 469 -6.21 4.05 5.60
N VAL F 470 -7.37 3.66 6.11
CA VAL F 470 -8.47 4.61 6.26
C VAL F 470 -8.15 5.64 7.34
N GLN F 471 -7.47 5.21 8.40
CA GLN F 471 -7.05 6.17 9.42
C GLN F 471 -6.10 7.21 8.85
N ALA F 472 -5.15 6.78 8.03
CA ALA F 472 -4.24 7.72 7.37
C ALA F 472 -5.00 8.65 6.44
N GLU F 473 -5.95 8.11 5.69
CA GLU F 473 -6.77 8.93 4.81
C GLU F 473 -7.52 10.01 5.59
N ILE F 474 -8.14 9.62 6.70
CA ILE F 474 -8.89 10.57 7.52
C ILE F 474 -7.95 11.62 8.09
N LYS F 475 -6.79 11.19 8.58
CA LYS F 475 -5.85 12.13 9.19
C LYS F 475 -5.38 13.16 8.17
N LYS F 476 -4.98 12.72 6.98
CA LYS F 476 -4.48 13.65 5.97
C LYS F 476 -5.59 14.55 5.46
N SER F 477 -6.81 14.00 5.26
CA SER F 477 -7.91 14.83 4.81
C SER F 477 -8.27 15.89 5.84
N TRP F 478 -8.31 15.51 7.11
CA TRP F 478 -8.61 16.47 8.17
C TRP F 478 -7.54 17.54 8.26
N SER F 479 -6.27 17.14 8.15
CA SER F 479 -5.18 18.12 8.23
C SER F 479 -5.26 19.11 7.08
N ARG F 480 -5.50 18.61 5.86
CA ARG F 480 -5.58 19.51 4.71
C ARG F 480 -6.79 20.41 4.80
N TRP F 481 -7.93 19.88 5.26
CA TRP F 481 -9.14 20.69 5.40
C TRP F 481 -8.93 21.79 6.43
N THR F 482 -8.32 21.46 7.57
CA THR F 482 -8.04 22.46 8.59
C THR F 482 -7.06 23.51 8.09
#